data_7CRU
#
_entry.id   7CRU
#
_cell.length_a   89.792
_cell.length_b   83.317
_cell.length_c   101.372
_cell.angle_alpha   90.000
_cell.angle_beta   98.240
_cell.angle_gamma   90.000
#
_symmetry.space_group_name_H-M   'P 1 21 1'
#
loop_
_entity.id
_entity.type
_entity.pdbx_description
1 polymer 'Heterogeneous nuclear ribonucleoprotein K'
2 polymer 'Importin subunit alpha-1'
3 non-polymer 'ACETATE ION'
4 non-polymer GLYCEROL
5 water water
#
loop_
_entity_poly.entity_id
_entity_poly.type
_entity_poly.pdbx_seq_one_letter_code
_entity_poly.pdbx_strand_id
1 'polypeptide(L)' WMEFGKRPAEDMEEEQAFKRSRN B,D
2 'polypeptide(L)'
;TVNWSVDDIVKGINSSNVENQLQATQAARKLLSREKQPPIDNIIRAGLIPKFVSFLGRTDCSPIQFESAWALTNIASGTS
EQTKAVVDGGAIPAFISLLASPHAHISEQAVWALGNIAGDGSVFRDLVIKYGAVDPLLALLAVPDMSSLACGYLRNLTWT
LSNLCRNKNPAPPIDAVEQILPTLVRLLHHDDPEVLADTCWAISYLTDGPNERIGMVVKTGVVPQLVKLLGASELPIVTP
ALRAIGNIVTGTDEQTQVVIDAGALAVFPSLLTNPKTNIQKEATWTMSNITAGRQDQIQQVVNHGLVPFLVSVLSKADFK
TQKEAVWAVTNYTSGGTVEQIVYLVHCGIIEPLMNLLTAKDTKIILVILDAISNIFQAAEKLGETEKLSIMIEECGGLDK
IEALQNHENESVYKASLSLIEKYFSVEEEEDQNVVPETTSEGYTFQVQDGAPGTFNF
;
A,C
#
# COMPACT_ATOMS: atom_id res chain seq x y z
N PHE A 4 6.89 10.00 -15.96
CA PHE A 4 8.01 10.30 -15.00
C PHE A 4 8.24 11.82 -14.96
N GLY A 5 7.47 12.50 -14.10
CA GLY A 5 7.46 13.97 -13.97
C GLY A 5 8.07 14.44 -12.66
N LYS A 6 7.76 15.69 -12.30
CA LYS A 6 8.35 16.37 -11.15
C LYS A 6 7.75 15.82 -9.85
N ARG A 7 8.60 15.66 -8.85
CA ARG A 7 8.26 15.08 -7.55
C ARG A 7 8.46 16.12 -6.47
N PRO A 8 7.50 16.32 -5.55
CA PRO A 8 7.66 17.28 -4.47
C PRO A 8 8.52 16.67 -3.34
N ALA A 9 8.84 17.50 -2.35
CA ALA A 9 9.83 17.17 -1.34
C ALA A 9 9.24 16.22 -0.30
N GLU A 10 10.12 15.54 0.43
CA GLU A 10 9.81 14.81 1.68
C GLU A 10 9.50 15.87 2.74
N ASP A 11 9.43 15.47 4.02
CA ASP A 11 9.50 16.46 5.10
C ASP A 11 10.97 16.84 5.29
N MET A 12 11.22 17.99 5.93
CA MET A 12 12.57 18.53 6.16
C MET A 12 13.12 17.96 7.47
N GLU A 13 14.40 17.55 7.44
CA GLU A 13 15.05 16.88 8.56
C GLU A 13 15.56 17.94 9.57
N GLU A 14 16.22 18.98 9.05
CA GLU A 14 16.80 20.04 9.84
C GLU A 14 15.99 21.34 9.65
N GLU A 15 15.12 21.62 10.63
CA GLU A 15 14.21 22.75 10.59
C GLU A 15 14.77 23.89 11.46
N GLN A 16 14.60 25.12 10.98
CA GLN A 16 14.71 26.35 11.76
C GLN A 16 13.73 26.31 12.93
N ALA A 17 13.97 27.13 13.97
CA ALA A 17 13.09 27.20 15.14
C ALA A 17 11.72 27.77 14.75
N PHE A 18 10.66 27.22 15.36
CA PHE A 18 9.30 27.76 15.27
C PHE A 18 9.15 28.90 16.29
N LYS A 19 9.60 28.60 17.52
CA LYS A 19 9.54 29.50 18.65
C LYS A 19 10.91 29.52 19.34
N ARG A 20 11.27 30.69 19.85
CA ARG A 20 12.47 30.88 20.62
C ARG A 20 12.07 31.58 21.92
N SER A 21 12.67 31.17 23.04
CA SER A 21 12.56 31.93 24.27
C SER A 21 13.83 32.78 24.41
N ARG A 22 13.66 34.00 24.92
CA ARG A 22 14.78 34.84 25.28
C ARG A 22 15.26 34.39 26.67
N ASN A 23 16.52 33.93 26.76
CA ASN A 23 17.14 33.49 28.03
C ASN A 23 18.17 34.54 28.46
N TRP B 4 11.55 34.79 43.64
CA TRP B 4 10.16 35.11 44.09
C TRP B 4 9.26 33.89 43.83
N SER B 5 8.24 33.74 44.70
CA SER B 5 7.14 32.80 44.46
C SER B 5 6.13 33.44 43.50
N VAL B 6 5.31 32.61 42.86
CA VAL B 6 4.30 33.08 41.93
C VAL B 6 3.26 33.94 42.69
N ASP B 7 3.02 33.59 43.96
CA ASP B 7 2.14 34.36 44.86
C ASP B 7 2.69 35.78 45.05
N ASP B 8 4.00 35.87 45.32
CA ASP B 8 4.67 37.15 45.55
C ASP B 8 4.60 38.03 44.30
N ILE B 9 4.65 37.40 43.12
CA ILE B 9 4.58 38.09 41.83
C ILE B 9 3.19 38.67 41.63
N VAL B 10 2.15 37.87 41.94
CA VAL B 10 0.75 38.30 41.81
C VAL B 10 0.51 39.50 42.74
N LYS B 11 0.85 39.35 44.02
CA LYS B 11 0.67 40.41 45.03
C LYS B 11 1.31 41.71 44.55
N GLY B 12 2.48 41.61 43.91
CA GLY B 12 3.19 42.77 43.37
C GLY B 12 2.52 43.37 42.15
N ILE B 13 2.03 42.52 41.24
CA ILE B 13 1.41 42.98 39.99
C ILE B 13 0.07 43.65 40.30
N ASN B 14 -0.63 43.14 41.33
CA ASN B 14 -1.95 43.64 41.74
C ASN B 14 -1.84 44.99 42.46
N SER B 15 -0.69 45.25 43.08
CA SER B 15 -0.42 46.56 43.70
C SER B 15 -0.70 47.68 42.67
N SER B 16 -1.26 48.80 43.16
CA SER B 16 -1.50 49.98 42.34
C SER B 16 -0.20 50.80 42.22
N ASN B 17 0.77 50.52 43.11
CA ASN B 17 2.12 51.10 43.10
C ASN B 17 2.86 50.62 41.83
N VAL B 18 3.18 51.57 40.94
CA VAL B 18 3.69 51.28 39.59
C VAL B 18 5.11 50.68 39.65
N GLU B 19 5.85 51.01 40.72
CA GLU B 19 7.21 50.52 40.95
C GLU B 19 7.17 49.08 41.50
N ASN B 20 6.12 48.75 42.27
CA ASN B 20 5.94 47.38 42.79
C ASN B 20 5.58 46.42 41.65
N GLN B 21 4.87 46.93 40.64
CA GLN B 21 4.47 46.19 39.46
C GLN B 21 5.71 45.84 38.61
N LEU B 22 6.60 46.83 38.44
CA LEU B 22 7.82 46.66 37.66
C LEU B 22 8.69 45.58 38.31
N GLN B 23 8.82 45.64 39.64
CA GLN B 23 9.67 44.71 40.40
C GLN B 23 9.17 43.27 40.26
N ALA B 24 7.85 43.09 40.30
CA ALA B 24 7.23 41.78 40.18
C ALA B 24 7.44 41.23 38.76
N THR B 25 7.28 42.10 37.76
CA THR B 25 7.41 41.74 36.35
C THR B 25 8.87 41.36 36.03
N GLN B 26 9.82 42.10 36.61
CA GLN B 26 11.24 41.71 36.60
C GLN B 26 11.36 40.27 37.11
N ALA B 27 10.82 40.01 38.32
CA ALA B 27 10.95 38.71 38.97
C ALA B 27 10.38 37.60 38.08
N ALA B 28 9.26 37.92 37.40
CA ALA B 28 8.59 36.99 36.49
C ALA B 28 9.44 36.77 35.23
N ARG B 29 10.00 37.85 34.68
CA ARG B 29 10.89 37.75 33.54
C ARG B 29 12.05 36.80 33.88
N LYS B 30 12.55 36.86 35.12
CA LYS B 30 13.67 36.03 35.56
C LYS B 30 13.23 34.56 35.62
N LEU B 31 12.09 34.31 36.28
CA LEU B 31 11.58 32.94 36.41
C LEU B 31 11.42 32.30 35.02
N LEU B 32 11.01 33.09 34.03
CA LEU B 32 10.66 32.58 32.70
C LEU B 32 11.89 32.43 31.81
N SER B 33 12.98 33.13 32.13
CA SER B 33 14.15 33.19 31.24
C SER B 33 15.32 32.36 31.78
N ARG B 34 15.59 32.46 33.09
CA ARG B 34 16.80 31.87 33.70
C ARG B 34 16.56 30.41 34.12
N GLU B 35 15.29 30.03 34.30
CA GLU B 35 14.95 28.70 34.83
C GLU B 35 15.06 27.66 33.71
N LYS B 36 15.39 26.42 34.09
CA LYS B 36 15.49 25.28 33.20
C LYS B 36 14.08 24.75 32.91
N GLN B 37 13.28 24.59 33.98
CA GLN B 37 11.86 24.18 33.90
C GLN B 37 11.00 25.37 34.32
N PRO B 38 10.71 26.34 33.42
CA PRO B 38 9.97 27.54 33.79
C PRO B 38 8.52 27.23 34.16
N PRO B 39 7.95 27.92 35.17
CA PRO B 39 6.58 27.65 35.62
C PRO B 39 5.56 28.45 34.80
N ILE B 40 5.51 28.20 33.49
CA ILE B 40 4.65 28.93 32.56
C ILE B 40 3.18 28.70 32.93
N ASP B 41 2.83 27.44 33.21
CA ASP B 41 1.45 27.06 33.49
C ASP B 41 0.97 27.72 34.80
N ASN B 42 1.86 27.76 35.82
CA ASN B 42 1.55 28.43 37.10
C ASN B 42 1.21 29.90 36.87
N ILE B 43 1.98 30.55 35.99
CA ILE B 43 1.84 31.99 35.69
C ILE B 43 0.52 32.23 34.94
N ILE B 44 0.20 31.34 34.00
CA ILE B 44 -1.05 31.43 33.26
C ILE B 44 -2.21 31.30 34.24
N ARG B 45 -2.20 30.23 35.04
CA ARG B 45 -3.29 29.91 36.00
C ARG B 45 -3.46 31.04 37.03
N ALA B 46 -2.37 31.72 37.39
CA ALA B 46 -2.40 32.84 38.34
C ALA B 46 -3.10 34.05 37.72
N GLY B 47 -3.33 34.02 36.40
CA GLY B 47 -4.16 34.99 35.68
C GLY B 47 -3.38 36.25 35.34
N LEU B 48 -2.09 36.09 35.03
CA LEU B 48 -1.15 37.21 34.91
C LEU B 48 -1.04 37.70 33.46
N ILE B 49 -1.43 36.86 32.49
CA ILE B 49 -1.23 37.17 31.06
C ILE B 49 -1.90 38.50 30.70
N PRO B 50 -3.18 38.72 31.07
CA PRO B 50 -3.87 39.98 30.75
C PRO B 50 -3.18 41.23 31.30
N LYS B 51 -2.59 41.10 32.50
CA LYS B 51 -1.94 42.21 33.19
C LYS B 51 -0.64 42.57 32.46
N PHE B 52 0.13 41.55 32.07
CA PHE B 52 1.34 41.72 31.25
C PHE B 52 0.99 42.43 29.93
N VAL B 53 -0.13 42.01 29.32
CA VAL B 53 -0.54 42.49 28.01
C VAL B 53 -0.88 43.99 28.09
N SER B 54 -1.44 44.43 29.22
CA SER B 54 -1.81 45.84 29.40
C SER B 54 -0.58 46.66 29.82
N PHE B 55 0.40 46.02 30.45
CA PHE B 55 1.69 46.63 30.73
C PHE B 55 2.41 46.96 29.41
N LEU B 56 2.13 46.19 28.35
CA LEU B 56 2.68 46.50 27.02
C LEU B 56 2.26 47.92 26.61
N GLY B 57 1.08 48.35 27.06
CA GLY B 57 0.50 49.66 26.72
C GLY B 57 1.00 50.81 27.58
N ARG B 58 1.73 50.49 28.65
CA ARG B 58 2.27 51.52 29.59
C ARG B 58 3.40 52.31 28.93
N THR B 59 3.07 53.32 28.11
CA THR B 59 4.06 54.17 27.46
C THR B 59 4.93 54.88 28.52
N ASP B 60 4.27 55.38 29.57
CA ASP B 60 4.90 56.17 30.64
C ASP B 60 6.13 55.43 31.19
N CYS B 61 5.94 54.16 31.58
CA CYS B 61 6.98 53.32 32.18
C CYS B 61 7.50 52.30 31.15
N SER B 62 8.46 52.72 30.32
CA SER B 62 8.99 51.90 29.23
C SER B 62 9.76 50.69 29.77
N PRO B 63 10.39 50.76 30.98
CA PRO B 63 10.88 49.54 31.64
C PRO B 63 9.88 48.38 31.73
N ILE B 64 8.63 48.64 32.10
CA ILE B 64 7.68 47.55 32.34
C ILE B 64 7.10 47.06 31.01
N GLN B 65 7.11 47.92 29.97
CA GLN B 65 6.80 47.53 28.59
C GLN B 65 7.79 46.44 28.14
N PHE B 66 9.07 46.69 28.40
CA PHE B 66 10.16 45.80 28.03
C PHE B 66 10.09 44.49 28.83
N GLU B 67 9.92 44.61 30.15
CA GLU B 67 9.98 43.44 31.04
C GLU B 67 8.81 42.51 30.74
N SER B 68 7.64 43.08 30.47
CA SER B 68 6.43 42.29 30.23
C SER B 68 6.49 41.67 28.83
N ALA B 69 7.08 42.41 27.88
CA ALA B 69 7.28 41.93 26.50
C ALA B 69 8.18 40.69 26.50
N TRP B 70 9.17 40.67 27.40
CA TRP B 70 10.06 39.53 27.59
C TRP B 70 9.26 38.36 28.15
N ALA B 71 8.61 38.59 29.30
CA ALA B 71 7.78 37.59 29.99
C ALA B 71 6.83 36.90 29.01
N LEU B 72 6.12 37.69 28.22
CA LEU B 72 5.08 37.21 27.29
C LEU B 72 5.73 36.47 26.12
N THR B 73 6.89 36.94 25.66
CA THR B 73 7.64 36.25 24.61
C THR B 73 7.82 34.78 25.01
N ASN B 74 8.28 34.56 26.25
CA ASN B 74 8.70 33.25 26.74
C ASN B 74 7.49 32.35 27.03
N ILE B 75 6.36 32.96 27.41
CA ILE B 75 5.11 32.23 27.58
C ILE B 75 4.59 31.80 26.21
N ALA B 76 4.68 32.71 25.22
CA ALA B 76 4.21 32.47 23.86
C ALA B 76 5.14 31.51 23.12
N SER B 77 6.30 31.20 23.72
CA SER B 77 7.31 30.35 23.12
C SER B 77 7.07 28.88 23.47
N GLY B 78 6.09 28.61 24.33
CA GLY B 78 5.80 27.26 24.79
C GLY B 78 4.92 26.49 23.82
N THR B 79 4.04 25.65 24.37
CA THR B 79 3.09 24.85 23.61
C THR B 79 2.01 25.75 22.98
N SER B 80 1.18 25.16 22.13
CA SER B 80 0.06 25.85 21.50
C SER B 80 -0.91 26.38 22.57
N GLU B 81 -1.22 25.56 23.58
CA GLU B 81 -2.08 25.96 24.71
C GLU B 81 -1.55 27.27 25.34
N GLN B 82 -0.22 27.35 25.49
CA GLN B 82 0.45 28.46 26.17
C GLN B 82 0.47 29.70 25.26
N THR B 83 0.76 29.49 23.97
CA THR B 83 0.72 30.56 22.99
C THR B 83 -0.70 31.12 22.93
N LYS B 84 -1.67 30.21 22.84
CA LYS B 84 -3.10 30.55 22.76
C LYS B 84 -3.49 31.44 23.96
N ALA B 85 -3.01 31.07 25.14
CA ALA B 85 -3.28 31.82 26.37
C ALA B 85 -2.90 33.30 26.19
N VAL B 86 -1.76 33.53 25.52
CA VAL B 86 -1.22 34.89 25.29
C VAL B 86 -2.10 35.62 24.26
N VAL B 87 -2.56 34.92 23.21
CA VAL B 87 -3.38 35.51 22.15
C VAL B 87 -4.75 35.87 22.73
N ASP B 88 -5.32 34.97 23.53
CA ASP B 88 -6.61 35.18 24.22
C ASP B 88 -6.53 36.39 25.15
N GLY B 89 -5.35 36.64 25.72
CA GLY B 89 -5.09 37.78 26.61
C GLY B 89 -4.86 39.10 25.86
N GLY B 90 -5.02 39.09 24.53
CA GLY B 90 -5.08 40.31 23.71
C GLY B 90 -3.71 40.85 23.35
N ALA B 91 -2.72 39.97 23.30
CA ALA B 91 -1.31 40.35 23.24
C ALA B 91 -0.93 40.86 21.85
N ILE B 92 -1.55 40.31 20.79
CA ILE B 92 -1.11 40.56 19.41
C ILE B 92 -1.17 42.05 19.07
N PRO B 93 -2.33 42.75 19.17
CA PRO B 93 -2.41 44.16 18.80
C PRO B 93 -1.57 45.08 19.71
N ALA B 94 -1.37 44.65 20.96
CA ALA B 94 -0.52 45.35 21.93
C ALA B 94 0.97 45.29 21.51
N PHE B 95 1.40 44.14 20.99
CA PHE B 95 2.75 43.97 20.48
C PHE B 95 2.91 44.81 19.20
N ILE B 96 1.89 44.80 18.35
CA ILE B 96 1.96 45.51 17.08
C ILE B 96 2.09 47.02 17.36
N SER B 97 1.45 47.49 18.43
CA SER B 97 1.52 48.89 18.85
C SER B 97 2.95 49.25 19.28
N LEU B 98 3.63 48.29 19.91
CA LEU B 98 4.99 48.50 20.41
C LEU B 98 6.02 48.58 19.27
N LEU B 99 5.68 48.12 18.07
CA LEU B 99 6.63 48.14 16.93
C LEU B 99 7.10 49.59 16.65
N ALA B 100 6.25 50.56 16.97
CA ALA B 100 6.52 51.98 16.74
C ALA B 100 7.30 52.60 17.90
N SER B 101 7.48 51.86 19.00
CA SER B 101 8.17 52.37 20.18
C SER B 101 9.46 53.06 19.77
N PRO B 102 9.77 54.26 20.31
CA PRO B 102 11.06 54.92 20.06
C PRO B 102 12.25 54.20 20.74
N HIS B 103 11.97 53.28 21.67
CA HIS B 103 12.97 52.40 22.28
C HIS B 103 13.16 51.15 21.41
N ALA B 104 14.31 51.04 20.75
CA ALA B 104 14.64 49.98 19.78
C ALA B 104 14.49 48.59 20.38
N HIS B 105 14.94 48.41 21.64
CA HIS B 105 15.02 47.10 22.28
C HIS B 105 13.63 46.58 22.68
N ILE B 106 12.63 47.46 22.74
CA ILE B 106 11.26 47.07 23.07
C ILE B 106 10.53 46.67 21.79
N SER B 107 10.65 47.50 20.74
CA SER B 107 10.26 47.14 19.38
C SER B 107 10.76 45.72 19.05
N GLU B 108 12.06 45.48 19.26
CA GLU B 108 12.74 44.18 19.01
C GLU B 108 11.96 43.04 19.71
N GLN B 109 11.66 43.22 20.99
CA GLN B 109 11.06 42.17 21.81
C GLN B 109 9.64 41.86 21.34
N ALA B 110 8.97 42.89 20.81
CA ALA B 110 7.65 42.77 20.21
C ALA B 110 7.73 42.04 18.87
N VAL B 111 8.75 42.35 18.07
CA VAL B 111 9.04 41.63 16.83
C VAL B 111 9.20 40.14 17.14
N TRP B 112 9.99 39.86 18.18
CA TRP B 112 10.28 38.50 18.63
C TRP B 112 8.98 37.82 19.06
N ALA B 113 8.24 38.47 19.96
CA ALA B 113 6.99 37.94 20.52
C ALA B 113 6.03 37.58 19.39
N LEU B 114 5.86 38.50 18.43
CA LEU B 114 4.96 38.28 17.30
C LEU B 114 5.42 37.08 16.49
N GLY B 115 6.75 36.93 16.36
CA GLY B 115 7.38 35.79 15.69
C GLY B 115 7.00 34.46 16.30
N ASN B 116 7.04 34.37 17.64
CA ASN B 116 6.65 33.15 18.36
C ASN B 116 5.20 32.79 18.03
N ILE B 117 4.30 33.76 18.14
CA ILE B 117 2.88 33.56 17.90
C ILE B 117 2.68 33.03 16.47
N ALA B 118 3.28 33.71 15.49
CA ALA B 118 3.12 33.37 14.07
C ALA B 118 3.70 31.98 13.77
N GLY B 119 4.73 31.58 14.54
CA GLY B 119 5.39 30.29 14.38
C GLY B 119 4.49 29.11 14.75
N ASP B 120 3.47 29.34 15.58
CA ASP B 120 2.62 28.27 16.11
C ASP B 120 1.92 27.50 14.98
N GLY B 121 1.49 28.19 13.93
CA GLY B 121 0.89 27.53 12.78
C GLY B 121 0.27 28.52 11.79
N SER B 122 -0.52 27.99 10.84
CA SER B 122 -1.18 28.77 9.79
C SER B 122 -2.24 29.71 10.39
N VAL B 123 -2.84 29.30 11.52
CA VAL B 123 -3.97 29.99 12.12
C VAL B 123 -3.47 31.32 12.72
N PHE B 124 -2.55 31.23 13.67
CA PHE B 124 -1.99 32.40 14.39
C PHE B 124 -1.10 33.23 13.45
N ARG B 125 -0.56 32.61 12.40
CA ARG B 125 0.16 33.35 11.35
C ARG B 125 -0.81 34.32 10.67
N ASP B 126 -1.93 33.77 10.17
CA ASP B 126 -2.95 34.54 9.45
C ASP B 126 -3.55 35.62 10.35
N LEU B 127 -3.65 35.30 11.65
CA LEU B 127 -4.23 36.17 12.67
C LEU B 127 -3.32 37.39 12.90
N VAL B 128 -2.02 37.13 13.10
CA VAL B 128 -1.02 38.20 13.27
C VAL B 128 -1.07 39.16 12.08
N ILE B 129 -1.30 38.63 10.88
CA ILE B 129 -1.39 39.46 9.65
C ILE B 129 -2.68 40.27 9.68
N LYS B 130 -3.78 39.63 10.09
CA LYS B 130 -5.12 40.26 10.19
C LYS B 130 -5.08 41.47 11.12
N TYR B 131 -4.35 41.36 12.24
CA TYR B 131 -4.21 42.43 13.22
C TYR B 131 -3.32 43.57 12.68
N GLY B 132 -2.72 43.37 11.50
CA GLY B 132 -2.02 44.44 10.76
C GLY B 132 -0.55 44.55 11.12
N ALA B 133 0.14 43.40 11.20
CA ALA B 133 1.54 43.31 11.65
C ALA B 133 2.53 43.62 10.51
N VAL B 134 2.10 43.49 9.25
CA VAL B 134 3.02 43.51 8.13
C VAL B 134 3.57 44.93 7.90
N ASP B 135 2.66 45.88 7.66
CA ASP B 135 3.04 47.28 7.34
C ASP B 135 4.06 47.79 8.35
N PRO B 136 3.79 47.73 9.68
CA PRO B 136 4.75 48.24 10.67
C PRO B 136 6.05 47.43 10.80
N LEU B 137 6.02 46.16 10.41
CA LEU B 137 7.22 45.30 10.43
C LEU B 137 8.15 45.66 9.27
N LEU B 138 7.57 45.80 8.07
CA LEU B 138 8.35 46.15 6.87
C LEU B 138 8.86 47.59 6.97
N ALA B 139 8.09 48.45 7.67
CA ALA B 139 8.44 49.84 7.88
C ALA B 139 9.76 49.98 8.65
N LEU B 140 10.07 49.00 9.50
CA LEU B 140 11.31 49.01 10.29
C LEU B 140 12.53 48.73 9.41
N LEU B 141 12.34 48.04 8.28
CA LEU B 141 13.40 47.68 7.32
C LEU B 141 13.31 48.57 6.06
N ALA B 142 12.62 49.71 6.19
CA ALA B 142 12.39 50.63 5.08
C ALA B 142 13.44 51.75 5.09
N VAL B 143 14.47 51.60 5.94
CA VAL B 143 15.56 52.57 6.06
C VAL B 143 16.31 52.64 4.73
N PRO B 144 17.08 53.72 4.46
CA PRO B 144 17.96 53.77 3.28
C PRO B 144 19.05 52.68 3.30
N ASP B 145 19.80 52.60 4.41
CA ASP B 145 20.91 51.67 4.60
C ASP B 145 20.54 50.66 5.70
N MET B 146 20.59 49.37 5.34
CA MET B 146 20.24 48.24 6.22
C MET B 146 21.18 48.18 7.44
N SER B 147 22.44 48.57 7.23
CA SER B 147 23.49 48.54 8.25
C SER B 147 23.31 49.66 9.29
N SER B 148 22.23 50.44 9.19
CA SER B 148 21.82 51.37 10.23
C SER B 148 21.25 50.61 11.44
N LEU B 149 20.72 49.40 11.20
CA LEU B 149 20.13 48.55 12.25
C LEU B 149 21.18 47.64 12.87
N ALA B 150 21.07 47.45 14.20
CA ALA B 150 21.87 46.49 14.95
C ALA B 150 21.54 45.08 14.47
N CYS B 151 22.55 44.19 14.45
CA CYS B 151 22.44 42.87 13.80
C CYS B 151 21.52 41.93 14.58
N GLY B 152 21.41 42.12 15.90
CA GLY B 152 20.48 41.35 16.74
C GLY B 152 19.03 41.69 16.44
N TYR B 153 18.77 42.99 16.23
CA TYR B 153 17.44 43.53 15.92
C TYR B 153 16.99 43.07 14.53
N LEU B 154 17.95 42.98 13.61
CA LEU B 154 17.72 42.68 12.21
C LEU B 154 17.43 41.19 12.02
N ARG B 155 18.13 40.35 12.79
CA ARG B 155 17.97 38.89 12.70
C ARG B 155 16.57 38.50 13.18
N ASN B 156 16.12 39.15 14.26
CA ASN B 156 14.80 38.95 14.83
C ASN B 156 13.71 39.34 13.81
N LEU B 157 13.92 40.44 13.10
CA LEU B 157 12.96 40.91 12.11
C LEU B 157 12.86 39.91 10.96
N THR B 158 14.02 39.44 10.50
CA THR B 158 14.10 38.52 9.37
C THR B 158 13.45 37.18 9.75
N TRP B 159 13.69 36.73 10.99
CA TRP B 159 13.12 35.49 11.52
C TRP B 159 11.58 35.57 11.61
N THR B 160 11.07 36.64 12.22
CA THR B 160 9.65 36.88 12.36
C THR B 160 9.01 36.93 10.97
N LEU B 161 9.67 37.62 10.03
CA LEU B 161 9.20 37.71 8.63
C LEU B 161 9.12 36.31 8.00
N SER B 162 10.12 35.45 8.28
CA SER B 162 10.13 34.10 7.75
C SER B 162 8.92 33.31 8.29
N ASN B 163 8.57 33.55 9.56
CA ASN B 163 7.44 32.85 10.20
C ASN B 163 6.12 33.29 9.56
N LEU B 164 6.05 34.52 9.03
CA LEU B 164 4.86 35.01 8.32
C LEU B 164 4.77 34.38 6.93
N CYS B 165 5.88 33.82 6.43
CA CYS B 165 5.94 33.17 5.13
C CYS B 165 5.74 31.64 5.24
N ARG B 166 5.58 31.15 6.46
CA ARG B 166 5.73 29.73 6.78
C ARG B 166 4.36 29.01 6.69
N ASN B 167 4.42 27.69 6.58
CA ASN B 167 3.28 26.77 6.69
C ASN B 167 2.36 26.87 5.47
N LYS B 168 1.54 25.82 5.33
CA LYS B 168 0.54 25.65 4.28
C LYS B 168 -0.78 25.17 4.92
N ASN B 169 -1.81 25.03 4.08
CA ASN B 169 -3.14 24.57 4.50
C ASN B 169 -3.70 25.50 5.57
N PRO B 170 -3.87 26.79 5.23
CA PRO B 170 -3.53 27.38 3.94
C PRO B 170 -2.14 28.05 3.90
N ALA B 171 -1.72 28.42 2.68
CA ALA B 171 -0.52 29.24 2.50
C ALA B 171 -0.77 30.63 3.06
N PRO B 172 0.28 31.45 3.29
CA PRO B 172 0.08 32.85 3.66
C PRO B 172 -0.75 33.57 2.61
N PRO B 173 -1.57 34.58 3.01
CA PRO B 173 -2.34 35.36 2.04
C PRO B 173 -1.42 35.95 0.97
N ILE B 174 -1.87 35.92 -0.29
CA ILE B 174 -1.08 36.36 -1.42
C ILE B 174 -0.70 37.84 -1.25
N ASP B 175 -1.65 38.67 -0.85
CA ASP B 175 -1.41 40.12 -0.69
C ASP B 175 -0.22 40.33 0.27
N ALA B 176 -0.14 39.51 1.32
CA ALA B 176 0.93 39.63 2.34
C ALA B 176 2.30 39.22 1.76
N VAL B 177 2.30 38.19 0.91
CA VAL B 177 3.52 37.67 0.29
C VAL B 177 4.05 38.71 -0.72
N GLU B 178 3.16 39.20 -1.60
CA GLU B 178 3.48 40.26 -2.60
C GLU B 178 4.20 41.45 -1.92
N GLN B 179 3.77 41.77 -0.70
CA GLN B 179 4.21 42.96 0.03
C GLN B 179 5.56 42.70 0.71
N ILE B 180 5.76 41.48 1.21
CA ILE B 180 6.92 41.10 2.01
C ILE B 180 8.13 40.83 1.09
N LEU B 181 7.88 40.35 -0.13
CA LEU B 181 8.95 39.82 -1.01
C LEU B 181 9.98 40.89 -1.37
N PRO B 182 9.62 42.10 -1.86
CA PRO B 182 10.60 43.14 -2.12
C PRO B 182 11.65 43.32 -1.02
N THR B 183 11.22 43.24 0.24
CA THR B 183 12.08 43.36 1.43
C THR B 183 13.03 42.15 1.55
N LEU B 184 12.51 40.95 1.23
CA LEU B 184 13.28 39.71 1.31
C LEU B 184 14.40 39.69 0.26
N VAL B 185 14.14 40.28 -0.91
CA VAL B 185 15.14 40.44 -1.97
C VAL B 185 16.33 41.24 -1.43
N ARG B 186 16.00 42.40 -0.82
CA ARG B 186 16.98 43.33 -0.25
C ARG B 186 17.75 42.64 0.90
N LEU B 187 17.07 41.79 1.66
CA LEU B 187 17.65 41.09 2.82
C LEU B 187 18.63 40.00 2.38
N LEU B 188 18.41 39.44 1.17
CA LEU B 188 19.19 38.31 0.66
C LEU B 188 20.57 38.76 0.19
N HIS B 189 20.79 40.09 0.13
CA HIS B 189 22.08 40.67 -0.23
C HIS B 189 22.82 41.18 1.02
N HIS B 190 22.21 41.05 2.21
CA HIS B 190 22.91 41.40 3.46
C HIS B 190 24.08 40.43 3.64
N ASP B 191 25.09 40.84 4.43
CA ASP B 191 26.33 40.07 4.54
C ASP B 191 26.40 39.33 5.89
N ASP B 192 25.37 39.48 6.73
CA ASP B 192 25.29 38.70 7.96
C ASP B 192 24.86 37.26 7.61
N PRO B 193 25.59 36.23 8.07
CA PRO B 193 25.17 34.83 7.86
C PRO B 193 23.77 34.48 8.38
N GLU B 194 23.45 34.91 9.62
CA GLU B 194 22.21 34.53 10.29
C GLU B 194 21.02 35.12 9.53
N VAL B 195 21.16 36.37 9.08
CA VAL B 195 20.11 37.05 8.31
C VAL B 195 19.88 36.30 6.99
N LEU B 196 20.98 35.90 6.34
CA LEU B 196 20.92 35.20 5.04
C LEU B 196 20.21 33.84 5.20
N ALA B 197 20.52 33.12 6.28
CA ALA B 197 19.89 31.84 6.62
C ALA B 197 18.39 32.03 6.84
N ASP B 198 18.03 33.04 7.65
CA ASP B 198 16.64 33.38 7.96
C ASP B 198 15.91 33.76 6.67
N THR B 199 16.54 34.62 5.85
CA THR B 199 15.93 35.04 4.60
C THR B 199 15.72 33.83 3.68
N CYS B 200 16.75 32.98 3.58
CA CYS B 200 16.71 31.77 2.74
C CYS B 200 15.56 30.85 3.18
N TRP B 201 15.34 30.75 4.50
CA TRP B 201 14.24 29.97 5.06
C TRP B 201 12.90 30.55 4.61
N ALA B 202 12.77 31.88 4.69
CA ALA B 202 11.56 32.56 4.24
C ALA B 202 11.25 32.16 2.79
N ILE B 203 12.23 32.31 1.89
CA ILE B 203 12.04 32.03 0.47
C ILE B 203 11.82 30.53 0.26
N SER B 204 12.42 29.71 1.13
CA SER B 204 12.19 28.26 1.16
C SER B 204 10.68 27.99 1.26
N TYR B 205 10.02 28.59 2.26
CA TYR B 205 8.59 28.34 2.51
C TYR B 205 7.73 28.85 1.35
N LEU B 206 8.10 29.99 0.75
CA LEU B 206 7.27 30.65 -0.26
C LEU B 206 7.27 29.85 -1.57
N THR B 207 8.34 29.10 -1.82
CA THR B 207 8.50 28.31 -3.04
C THR B 207 7.86 26.93 -2.89
N ASP B 208 7.49 26.57 -1.64
CA ASP B 208 6.90 25.26 -1.29
C ASP B 208 5.37 25.31 -1.47
N GLY B 209 4.93 25.35 -2.72
CA GLY B 209 3.51 25.41 -3.04
C GLY B 209 3.27 25.26 -4.53
N PRO B 210 2.10 25.70 -5.06
CA PRO B 210 1.81 25.60 -6.49
C PRO B 210 2.70 26.57 -7.28
N ASN B 211 2.69 26.42 -8.61
CA ASN B 211 3.56 27.15 -9.52
C ASN B 211 3.32 28.66 -9.40
N GLU B 212 2.09 29.09 -9.10
CA GLU B 212 1.76 30.51 -8.97
C GLU B 212 2.72 31.16 -7.96
N ARG B 213 2.93 30.48 -6.82
CA ARG B 213 3.72 30.98 -5.69
C ARG B 213 5.21 31.04 -6.06
N ILE B 214 5.67 30.01 -6.77
CA ILE B 214 7.04 29.93 -7.31
C ILE B 214 7.27 31.09 -8.28
N GLY B 215 6.30 31.31 -9.19
CA GLY B 215 6.34 32.40 -10.16
C GLY B 215 6.62 33.74 -9.49
N MET B 216 5.99 33.96 -8.33
CA MET B 216 6.13 35.20 -7.56
C MET B 216 7.60 35.40 -7.17
N VAL B 217 8.23 34.33 -6.65
CA VAL B 217 9.60 34.37 -6.18
C VAL B 217 10.54 34.60 -7.35
N VAL B 218 10.28 33.90 -8.47
CA VAL B 218 11.18 33.91 -9.63
C VAL B 218 11.22 35.31 -10.26
N LYS B 219 10.08 36.00 -10.27
CA LYS B 219 9.94 37.30 -10.98
C LYS B 219 10.76 38.40 -10.30
N THR B 220 11.09 38.23 -9.01
CA THR B 220 11.83 39.24 -8.25
C THR B 220 13.32 39.23 -8.64
N GLY B 221 13.77 38.15 -9.29
CA GLY B 221 15.13 38.05 -9.84
C GLY B 221 16.15 37.54 -8.83
N VAL B 222 15.70 36.80 -7.82
CA VAL B 222 16.54 36.38 -6.68
C VAL B 222 17.27 35.07 -6.96
N VAL B 223 16.89 34.36 -8.03
CA VAL B 223 17.42 33.04 -8.30
C VAL B 223 18.95 33.12 -8.41
N PRO B 224 19.52 34.03 -9.23
CA PRO B 224 20.97 34.22 -9.25
C PRO B 224 21.63 34.28 -7.87
N GLN B 225 21.07 35.12 -6.98
CA GLN B 225 21.61 35.37 -5.66
C GLN B 225 21.47 34.14 -4.76
N LEU B 226 20.41 33.34 -4.95
CA LEU B 226 20.23 32.06 -4.24
C LEU B 226 21.32 31.07 -4.65
N VAL B 227 21.61 31.01 -5.96
CA VAL B 227 22.62 30.12 -6.54
C VAL B 227 23.99 30.47 -5.96
N LYS B 228 24.22 31.76 -5.69
CA LYS B 228 25.44 32.21 -5.05
C LYS B 228 25.49 31.65 -3.62
N LEU B 229 24.37 31.77 -2.89
CA LEU B 229 24.26 31.32 -1.50
C LEU B 229 24.28 29.79 -1.40
N LEU B 230 24.06 29.12 -2.54
CA LEU B 230 24.14 27.66 -2.65
C LEU B 230 25.56 27.20 -2.33
N GLY B 231 26.56 28.04 -2.64
CA GLY B 231 27.97 27.73 -2.45
C GLY B 231 28.61 28.56 -1.33
N ALA B 232 27.83 28.90 -0.30
CA ALA B 232 28.37 29.49 0.91
C ALA B 232 29.02 28.40 1.76
N SER B 233 29.89 28.82 2.68
CA SER B 233 30.57 27.92 3.60
C SER B 233 29.61 27.48 4.71
N GLU B 234 28.79 28.44 5.16
CA GLU B 234 27.93 28.29 6.32
C GLU B 234 26.77 27.35 5.94
N LEU B 235 26.73 26.17 6.57
CA LEU B 235 25.75 25.12 6.26
C LEU B 235 24.32 25.59 6.56
N PRO B 236 24.06 26.36 7.66
CA PRO B 236 22.77 27.01 7.86
C PRO B 236 22.20 27.82 6.67
N ILE B 237 23.07 28.30 5.77
CA ILE B 237 22.64 29.05 4.58
C ILE B 237 22.34 28.06 3.43
N VAL B 238 23.21 27.06 3.25
CA VAL B 238 23.10 26.15 2.13
C VAL B 238 21.80 25.35 2.25
N THR B 239 21.54 24.79 3.43
CA THR B 239 20.39 23.90 3.65
C THR B 239 19.11 24.54 3.11
N PRO B 240 18.67 25.72 3.62
CA PRO B 240 17.47 26.38 3.09
C PRO B 240 17.57 26.81 1.62
N ALA B 241 18.70 27.40 1.24
CA ALA B 241 18.92 27.90 -0.12
C ALA B 241 18.73 26.76 -1.14
N LEU B 242 19.23 25.57 -0.81
CA LEU B 242 19.12 24.40 -1.65
C LEU B 242 17.64 23.95 -1.72
N ARG B 243 16.96 24.00 -0.57
CA ARG B 243 15.56 23.62 -0.52
C ARG B 243 14.72 24.59 -1.37
N ALA B 244 15.06 25.88 -1.36
CA ALA B 244 14.36 26.89 -2.16
C ALA B 244 14.56 26.60 -3.65
N ILE B 245 15.78 26.22 -4.03
CA ILE B 245 16.14 25.94 -5.42
C ILE B 245 15.44 24.64 -5.84
N GLY B 246 15.45 23.65 -4.95
CA GLY B 246 14.76 22.37 -5.15
C GLY B 246 13.28 22.56 -5.41
N ASN B 247 12.66 23.47 -4.65
CA ASN B 247 11.23 23.78 -4.74
C ASN B 247 10.91 24.44 -6.09
N ILE B 248 11.79 25.34 -6.55
CA ILE B 248 11.57 26.09 -7.80
C ILE B 248 11.56 25.12 -8.99
N VAL B 249 12.45 24.12 -8.98
CA VAL B 249 12.56 23.17 -10.10
C VAL B 249 11.43 22.12 -10.03
N THR B 250 10.58 22.16 -8.99
CA THR B 250 9.33 21.37 -9.00
C THR B 250 8.29 22.06 -9.89
N GLY B 251 8.55 23.32 -10.26
CA GLY B 251 7.64 24.10 -11.09
C GLY B 251 7.70 23.72 -12.56
N THR B 252 7.48 24.73 -13.41
CA THR B 252 7.42 24.57 -14.86
C THR B 252 8.83 24.40 -15.42
N ASP B 253 8.90 23.99 -16.69
CA ASP B 253 10.14 23.86 -17.41
C ASP B 253 10.82 25.24 -17.49
N GLU B 254 10.04 26.29 -17.70
CA GLU B 254 10.54 27.68 -17.84
C GLU B 254 11.13 28.16 -16.50
N GLN B 255 10.45 27.80 -15.40
CA GLN B 255 10.88 28.14 -14.03
C GLN B 255 12.18 27.41 -13.72
N THR B 256 12.23 26.11 -14.04
CA THR B 256 13.43 25.27 -13.88
C THR B 256 14.61 25.90 -14.64
N GLN B 257 14.35 26.43 -15.84
CA GLN B 257 15.40 26.95 -16.73
C GLN B 257 16.07 28.18 -16.08
N VAL B 258 15.30 28.97 -15.33
CA VAL B 258 15.83 30.17 -14.65
C VAL B 258 16.97 29.73 -13.72
N VAL B 259 16.79 28.58 -13.07
CA VAL B 259 17.76 28.01 -12.13
C VAL B 259 19.03 27.61 -12.89
N ILE B 260 18.85 26.95 -14.04
CA ILE B 260 19.97 26.47 -14.88
C ILE B 260 20.70 27.69 -15.48
N ASP B 261 19.92 28.64 -16.01
CA ASP B 261 20.43 29.89 -16.61
C ASP B 261 21.21 30.70 -15.57
N ALA B 262 20.88 30.52 -14.28
CA ALA B 262 21.54 31.24 -13.20
C ALA B 262 22.78 30.48 -12.70
N GLY B 263 23.13 29.37 -13.37
CA GLY B 263 24.41 28.67 -13.20
C GLY B 263 24.45 27.81 -11.95
N ALA B 264 23.32 27.19 -11.63
CA ALA B 264 23.19 26.36 -10.43
C ALA B 264 24.03 25.09 -10.56
N LEU B 265 24.16 24.59 -11.80
CA LEU B 265 24.75 23.28 -12.09
C LEU B 265 26.26 23.25 -11.80
N ALA B 266 26.90 24.44 -11.73
CA ALA B 266 28.34 24.57 -11.46
C ALA B 266 28.67 24.17 -10.02
N VAL B 267 27.73 24.42 -9.10
CA VAL B 267 27.93 24.30 -7.65
C VAL B 267 27.55 22.88 -7.19
N PHE B 268 26.83 22.14 -8.05
CA PHE B 268 26.12 20.92 -7.64
C PHE B 268 27.07 19.75 -7.39
N PRO B 269 28.23 19.68 -8.05
CA PRO B 269 29.23 18.65 -7.71
C PRO B 269 29.55 18.61 -6.21
N SER B 270 29.73 19.78 -5.59
CA SER B 270 30.10 19.88 -4.19
C SER B 270 28.89 19.58 -3.28
N LEU B 271 27.69 19.93 -3.77
CA LEU B 271 26.46 19.57 -3.09
C LEU B 271 26.25 18.05 -3.12
N LEU B 272 26.44 17.45 -4.30
CA LEU B 272 26.20 16.01 -4.50
C LEU B 272 27.25 15.15 -3.78
N THR B 273 28.39 15.75 -3.41
CA THR B 273 29.44 15.09 -2.64
C THR B 273 29.70 15.83 -1.31
N ASN B 274 28.70 16.57 -0.82
CA ASN B 274 28.82 17.38 0.40
C ASN B 274 29.14 16.47 1.58
N PRO B 275 29.85 16.95 2.63
CA PRO B 275 30.09 16.14 3.82
C PRO B 275 28.80 15.70 4.51
N LYS B 276 27.75 16.51 4.33
CA LYS B 276 26.44 16.33 4.97
C LYS B 276 25.54 15.43 4.11
N THR B 277 25.14 14.28 4.68
CA THR B 277 24.13 13.37 4.11
C THR B 277 22.94 14.14 3.52
N ASN B 278 22.38 15.04 4.35
CA ASN B 278 21.13 15.74 4.09
C ASN B 278 21.24 16.58 2.80
N ILE B 279 22.40 17.21 2.58
CA ILE B 279 22.63 18.07 1.42
C ILE B 279 22.70 17.21 0.15
N GLN B 280 23.33 16.02 0.27
CA GLN B 280 23.46 15.09 -0.85
C GLN B 280 22.07 14.69 -1.34
N LYS B 281 21.25 14.20 -0.41
CA LYS B 281 19.87 13.80 -0.67
C LYS B 281 19.14 14.92 -1.43
N GLU B 282 19.13 16.11 -0.84
CA GLU B 282 18.41 17.29 -1.35
C GLU B 282 18.94 17.70 -2.74
N ALA B 283 20.26 17.58 -2.91
CA ALA B 283 20.90 17.90 -4.16
C ALA B 283 20.46 16.89 -5.23
N THR B 284 20.47 15.60 -4.86
CA THR B 284 20.09 14.53 -5.78
C THR B 284 18.58 14.65 -6.11
N TRP B 285 17.79 15.01 -5.11
CA TRP B 285 16.35 15.27 -5.31
C TRP B 285 16.16 16.42 -6.29
N THR B 286 16.95 17.49 -6.13
CA THR B 286 16.92 18.64 -7.03
C THR B 286 17.34 18.21 -8.44
N MET B 287 18.38 17.38 -8.54
CA MET B 287 18.86 16.86 -9.83
C MET B 287 17.73 16.09 -10.54
N SER B 288 17.04 15.22 -9.79
CA SER B 288 16.00 14.34 -10.37
C SER B 288 14.90 15.18 -11.02
N ASN B 289 14.62 16.35 -10.43
CA ASN B 289 13.53 17.19 -10.92
C ASN B 289 13.99 17.96 -12.17
N ILE B 290 15.31 18.02 -12.41
CA ILE B 290 15.85 18.68 -13.61
C ILE B 290 15.95 17.63 -14.75
N THR B 291 16.31 16.40 -14.40
CA THR B 291 16.34 15.28 -15.35
C THR B 291 14.90 14.86 -15.71
N ALA B 292 13.92 15.42 -15.00
CA ALA B 292 12.52 15.25 -15.32
C ALA B 292 12.10 16.21 -16.44
N GLY B 293 12.93 17.20 -16.75
CA GLY B 293 12.58 18.31 -17.66
C GLY B 293 12.83 17.99 -19.13
N ARG B 294 12.85 19.05 -19.94
CA ARG B 294 13.06 19.01 -21.39
C ARG B 294 14.38 18.30 -21.70
N GLN B 295 14.53 17.85 -22.96
CA GLN B 295 15.72 17.13 -23.38
C GLN B 295 16.93 18.07 -23.42
N ASP B 296 16.69 19.35 -23.69
CA ASP B 296 17.75 20.36 -23.73
C ASP B 296 18.26 20.62 -22.30
N GLN B 297 17.40 20.40 -21.30
CA GLN B 297 17.75 20.58 -19.88
C GLN B 297 18.59 19.39 -19.41
N ILE B 298 18.26 18.20 -19.90
CA ILE B 298 19.05 16.98 -19.62
C ILE B 298 20.46 17.18 -20.17
N GLN B 299 20.55 17.80 -21.36
CA GLN B 299 21.83 18.02 -22.06
C GLN B 299 22.74 18.98 -21.27
N GLN B 300 22.15 19.92 -20.51
CA GLN B 300 22.91 20.86 -19.68
C GLN B 300 23.45 20.13 -18.44
N VAL B 301 22.69 19.15 -17.94
CA VAL B 301 23.15 18.28 -16.87
C VAL B 301 24.37 17.50 -17.36
N VAL B 302 24.29 17.00 -18.60
CA VAL B 302 25.39 16.26 -19.24
C VAL B 302 26.59 17.20 -19.43
N ASN B 303 26.33 18.44 -19.88
CA ASN B 303 27.39 19.41 -20.28
C ASN B 303 28.17 19.90 -19.06
N HIS B 304 27.50 20.03 -17.90
CA HIS B 304 28.15 20.47 -16.65
C HIS B 304 28.78 19.28 -15.90
N GLY B 305 28.81 18.12 -16.55
CA GLY B 305 29.61 16.97 -16.15
C GLY B 305 29.04 16.25 -14.94
N LEU B 306 27.72 16.30 -14.77
CA LEU B 306 27.08 15.90 -13.51
C LEU B 306 26.68 14.41 -13.52
N VAL B 307 26.58 13.81 -14.70
CA VAL B 307 26.11 12.43 -14.83
C VAL B 307 27.01 11.51 -14.00
N PRO B 308 28.36 11.53 -14.19
CA PRO B 308 29.28 10.75 -13.34
C PRO B 308 29.09 10.95 -11.83
N PHE B 309 28.72 12.16 -11.43
CA PHE B 309 28.45 12.46 -10.01
C PHE B 309 27.20 11.70 -9.53
N LEU B 310 26.15 11.66 -10.37
CA LEU B 310 24.95 10.90 -10.04
C LEU B 310 25.27 9.40 -10.00
N VAL B 311 26.11 8.93 -10.94
CA VAL B 311 26.48 7.52 -11.01
C VAL B 311 27.14 7.11 -9.69
N SER B 312 27.97 7.99 -9.14
CA SER B 312 28.76 7.66 -7.95
C SER B 312 27.90 7.82 -6.68
N VAL B 313 26.91 8.72 -6.70
CA VAL B 313 25.94 8.88 -5.59
C VAL B 313 25.11 7.59 -5.49
N LEU B 314 24.77 7.03 -6.65
CA LEU B 314 23.99 5.80 -6.79
C LEU B 314 24.76 4.60 -6.20
N SER B 315 26.10 4.67 -6.17
CA SER B 315 26.98 3.61 -5.60
C SER B 315 27.24 3.85 -4.11
N LYS B 316 27.61 5.07 -3.74
CA LYS B 316 28.37 5.34 -2.52
C LYS B 316 27.52 5.95 -1.40
N ALA B 317 26.38 6.56 -1.75
CA ALA B 317 25.56 7.30 -0.79
C ALA B 317 24.70 6.35 0.04
N ASP B 318 24.15 6.87 1.14
CA ASP B 318 23.20 6.15 2.00
C ASP B 318 21.88 5.98 1.22
N PHE B 319 21.05 5.04 1.67
CA PHE B 319 19.93 4.55 0.90
C PHE B 319 18.95 5.68 0.53
N LYS B 320 18.61 6.54 1.51
CA LYS B 320 17.65 7.63 1.27
C LYS B 320 18.09 8.46 0.06
N THR B 321 19.40 8.71 -0.04
CA THR B 321 19.99 9.47 -1.14
C THR B 321 20.02 8.63 -2.41
N GLN B 322 20.31 7.33 -2.28
CA GLN B 322 20.35 6.41 -3.44
C GLN B 322 18.99 6.35 -4.14
N LYS B 323 17.91 6.31 -3.34
CA LYS B 323 16.55 6.34 -3.88
C LYS B 323 16.39 7.56 -4.81
N GLU B 324 16.88 8.72 -4.37
CA GLU B 324 16.75 9.98 -5.08
C GLU B 324 17.53 9.92 -6.40
N ALA B 325 18.68 9.22 -6.38
CA ALA B 325 19.50 9.02 -7.57
C ALA B 325 18.78 8.09 -8.56
N VAL B 326 18.11 7.07 -8.03
CA VAL B 326 17.33 6.15 -8.85
C VAL B 326 16.34 6.96 -9.67
N TRP B 327 15.64 7.87 -8.99
CA TRP B 327 14.66 8.73 -9.62
C TRP B 327 15.33 9.60 -10.69
N ALA B 328 16.46 10.20 -10.32
CA ALA B 328 17.17 11.10 -11.21
C ALA B 328 17.52 10.40 -12.53
N VAL B 329 18.02 9.16 -12.40
CA VAL B 329 18.53 8.37 -13.51
C VAL B 329 17.36 7.91 -14.38
N THR B 330 16.25 7.52 -13.75
CA THR B 330 15.11 6.98 -14.46
C THR B 330 14.39 8.08 -15.23
N ASN B 331 14.29 9.27 -14.62
CA ASN B 331 13.69 10.45 -15.26
C ASN B 331 14.48 10.79 -16.54
N TYR B 332 15.81 10.76 -16.41
CA TYR B 332 16.78 10.98 -17.49
C TYR B 332 16.48 10.01 -18.66
N THR B 333 16.35 8.72 -18.35
CA THR B 333 16.11 7.67 -19.37
C THR B 333 14.71 7.84 -19.98
N SER B 334 13.79 8.38 -19.19
CA SER B 334 12.42 8.62 -19.63
C SER B 334 12.39 9.77 -20.66
N GLY B 335 13.09 10.87 -20.36
CA GLY B 335 13.02 12.09 -21.15
C GLY B 335 14.14 12.22 -22.19
N GLY B 336 15.24 11.49 -22.00
CA GLY B 336 16.47 11.72 -22.77
C GLY B 336 16.40 11.14 -24.17
N THR B 337 17.26 11.66 -25.06
CA THR B 337 17.46 11.10 -26.40
C THR B 337 18.33 9.85 -26.31
N VAL B 338 18.34 9.06 -27.40
CA VAL B 338 19.14 7.84 -27.51
C VAL B 338 20.61 8.18 -27.23
N GLU B 339 21.07 9.31 -27.79
CA GLU B 339 22.42 9.82 -27.59
C GLU B 339 22.73 10.00 -26.10
N GLN B 340 21.78 10.59 -25.37
CA GLN B 340 21.95 10.90 -23.94
C GLN B 340 21.99 9.62 -23.10
N ILE B 341 21.19 8.63 -23.49
CA ILE B 341 21.10 7.34 -22.79
C ILE B 341 22.40 6.54 -23.01
N VAL B 342 22.93 6.58 -24.24
CA VAL B 342 24.21 5.99 -24.57
C VAL B 342 25.28 6.55 -23.61
N TYR B 343 25.31 7.89 -23.47
CA TYR B 343 26.27 8.58 -22.60
C TYR B 343 26.10 8.12 -21.14
N LEU B 344 24.85 7.92 -20.69
CA LEU B 344 24.56 7.44 -19.35
C LEU B 344 25.17 6.03 -19.17
N VAL B 345 25.05 5.20 -20.21
CA VAL B 345 25.56 3.84 -20.15
C VAL B 345 27.10 3.90 -20.09
N HIS B 346 27.71 4.83 -20.83
CA HIS B 346 29.17 5.00 -20.91
C HIS B 346 29.74 5.48 -19.57
N CYS B 347 28.94 6.22 -18.78
CA CYS B 347 29.33 6.64 -17.43
C CYS B 347 29.20 5.48 -16.43
N GLY B 348 28.85 4.29 -16.91
CA GLY B 348 28.85 3.06 -16.12
C GLY B 348 27.66 2.96 -15.16
N ILE B 349 26.48 3.35 -15.64
CA ILE B 349 25.24 3.40 -14.83
C ILE B 349 24.81 1.97 -14.47
N ILE B 350 25.02 1.03 -15.40
CA ILE B 350 24.31 -0.25 -15.43
C ILE B 350 24.40 -0.94 -14.06
N GLU B 351 25.63 -1.13 -13.58
CA GLU B 351 25.88 -1.96 -12.40
C GLU B 351 25.27 -1.30 -11.16
N PRO B 352 25.74 -0.11 -10.71
CA PRO B 352 25.28 0.48 -9.46
C PRO B 352 23.76 0.64 -9.37
N LEU B 353 23.10 0.85 -10.51
CA LEU B 353 21.63 0.95 -10.61
C LEU B 353 21.00 -0.40 -10.27
N MET B 354 21.47 -1.45 -10.95
CA MET B 354 20.92 -2.80 -10.84
C MET B 354 21.23 -3.39 -9.46
N ASN B 355 22.32 -2.95 -8.82
CA ASN B 355 22.66 -3.36 -7.47
C ASN B 355 21.50 -3.07 -6.51
N LEU B 356 20.75 -1.99 -6.78
CA LEU B 356 19.66 -1.56 -5.91
C LEU B 356 18.36 -2.35 -6.18
N LEU B 357 18.42 -3.39 -7.02
CA LEU B 357 17.26 -4.29 -7.24
C LEU B 357 17.08 -5.24 -6.05
N THR B 358 18.14 -5.41 -5.24
CA THR B 358 18.11 -6.23 -4.03
C THR B 358 17.56 -5.41 -2.85
N ALA B 359 17.31 -4.10 -3.09
CA ALA B 359 16.60 -3.27 -2.13
C ALA B 359 15.21 -3.84 -1.86
N LYS B 360 14.67 -3.53 -0.68
CA LYS B 360 13.38 -4.06 -0.22
C LYS B 360 12.37 -2.91 -0.24
N ASP B 361 12.17 -2.34 -1.43
CA ASP B 361 11.31 -1.19 -1.67
C ASP B 361 10.65 -1.38 -3.03
N THR B 362 9.41 -1.91 -3.01
CA THR B 362 8.73 -2.38 -4.22
C THR B 362 8.63 -1.25 -5.25
N LYS B 363 8.45 -0.01 -4.78
CA LYS B 363 8.32 1.15 -5.65
C LYS B 363 9.63 1.36 -6.42
N ILE B 364 10.75 1.44 -5.70
CA ILE B 364 12.07 1.70 -6.26
C ILE B 364 12.44 0.62 -7.28
N ILE B 365 12.14 -0.64 -6.95
CA ILE B 365 12.46 -1.77 -7.83
C ILE B 365 11.82 -1.52 -9.21
N LEU B 366 10.53 -1.13 -9.21
CA LEU B 366 9.75 -0.91 -10.43
C LEU B 366 10.34 0.24 -11.25
N VAL B 367 10.86 1.26 -10.55
CA VAL B 367 11.46 2.43 -11.17
C VAL B 367 12.74 2.02 -11.91
N ILE B 368 13.55 1.15 -11.30
CA ILE B 368 14.81 0.67 -11.91
C ILE B 368 14.52 -0.19 -13.14
N LEU B 369 13.52 -1.08 -13.04
CA LEU B 369 13.15 -1.95 -14.13
C LEU B 369 12.62 -1.11 -15.30
N ASP B 370 11.99 0.03 -14.99
CA ASP B 370 11.52 0.97 -16.01
C ASP B 370 12.73 1.59 -16.71
N ALA B 371 13.70 2.06 -15.91
CA ALA B 371 14.94 2.61 -16.40
C ALA B 371 15.59 1.63 -17.40
N ILE B 372 15.70 0.36 -16.99
CA ILE B 372 16.35 -0.64 -17.81
C ILE B 372 15.52 -0.88 -19.08
N SER B 373 14.20 -0.87 -18.92
CA SER B 373 13.29 -1.00 -20.05
C SER B 373 13.52 0.15 -21.06
N ASN B 374 13.66 1.37 -20.55
CA ASN B 374 13.89 2.57 -21.36
C ASN B 374 15.22 2.47 -22.10
N ILE B 375 16.26 2.01 -21.41
CA ILE B 375 17.60 1.89 -21.98
C ILE B 375 17.58 0.84 -23.10
N PHE B 376 16.82 -0.25 -22.89
CA PHE B 376 16.69 -1.33 -23.86
C PHE B 376 15.98 -0.84 -25.13
N GLN B 377 15.07 0.12 -24.98
CA GLN B 377 14.35 0.68 -26.12
C GLN B 377 15.29 1.56 -26.95
N ALA B 378 16.17 2.29 -26.27
CA ALA B 378 17.23 3.02 -26.93
C ALA B 378 18.13 2.03 -27.69
N ALA B 379 18.41 0.88 -27.07
CA ALA B 379 19.26 -0.16 -27.66
C ALA B 379 18.60 -0.71 -28.94
N GLU B 380 17.28 -0.92 -28.87
CA GLU B 380 16.48 -1.49 -29.96
C GLU B 380 16.60 -0.62 -31.21
N LYS B 381 16.55 0.71 -31.02
CA LYS B 381 16.65 1.70 -32.10
C LYS B 381 18.04 1.68 -32.75
N LEU B 382 19.05 1.15 -32.05
CA LEU B 382 20.40 1.05 -32.58
C LEU B 382 20.69 -0.39 -33.06
N GLY B 383 19.80 -1.33 -32.73
CA GLY B 383 20.02 -2.75 -33.00
C GLY B 383 21.17 -3.31 -32.18
N GLU B 384 21.14 -3.01 -30.88
CA GLU B 384 22.22 -3.34 -29.94
C GLU B 384 21.63 -3.90 -28.64
N THR B 385 20.52 -4.63 -28.73
CA THR B 385 19.91 -5.26 -27.58
C THR B 385 20.80 -6.41 -27.10
N GLU B 386 21.53 -7.05 -28.03
CA GLU B 386 22.40 -8.16 -27.65
C GLU B 386 23.57 -7.61 -26.81
N LYS B 387 24.22 -6.55 -27.30
CA LYS B 387 25.35 -5.92 -26.62
C LYS B 387 24.96 -5.54 -25.18
N LEU B 388 23.79 -4.90 -25.04
CA LEU B 388 23.33 -4.40 -23.76
C LEU B 388 23.00 -5.56 -22.82
N SER B 389 22.38 -6.62 -23.37
CA SER B 389 22.14 -7.86 -22.63
C SER B 389 23.45 -8.33 -21.99
N ILE B 390 24.49 -8.42 -22.82
CA ILE B 390 25.77 -8.97 -22.43
C ILE B 390 26.46 -8.05 -21.40
N MET B 391 26.24 -6.73 -21.50
CA MET B 391 26.79 -5.76 -20.53
C MET B 391 26.11 -5.93 -19.17
N ILE B 392 24.82 -6.26 -19.20
CA ILE B 392 24.00 -6.43 -18.01
C ILE B 392 24.43 -7.71 -17.28
N GLU B 393 24.71 -8.77 -18.06
CA GLU B 393 25.23 -10.05 -17.54
C GLU B 393 26.60 -9.84 -16.88
N GLU B 394 27.42 -8.97 -17.48
CA GLU B 394 28.76 -8.66 -17.00
C GLU B 394 28.72 -7.79 -15.73
N CYS B 395 27.61 -7.08 -15.51
CA CYS B 395 27.42 -6.25 -14.32
C CYS B 395 26.68 -7.02 -13.22
N GLY B 396 26.38 -8.30 -13.49
CA GLY B 396 25.69 -9.19 -12.55
C GLY B 396 24.23 -8.80 -12.38
N GLY B 397 23.70 -8.09 -13.36
CA GLY B 397 22.36 -7.50 -13.32
C GLY B 397 21.27 -8.49 -13.72
N LEU B 398 21.61 -9.48 -14.56
CA LEU B 398 20.67 -10.52 -14.99
C LEU B 398 20.29 -11.42 -13.81
N ASP B 399 21.27 -11.73 -12.95
CA ASP B 399 21.07 -12.56 -11.75
C ASP B 399 20.02 -11.92 -10.83
N LYS B 400 19.97 -10.58 -10.82
CA LYS B 400 19.12 -9.80 -9.90
C LYS B 400 17.73 -9.57 -10.52
N ILE B 401 17.62 -9.61 -11.85
CA ILE B 401 16.34 -9.49 -12.55
C ILE B 401 15.56 -10.80 -12.40
N GLU B 402 16.22 -11.95 -12.58
CA GLU B 402 15.51 -13.23 -12.54
C GLU B 402 15.32 -13.65 -11.07
N ALA B 403 16.07 -13.03 -10.16
CA ALA B 403 15.88 -13.17 -8.69
C ALA B 403 14.51 -12.62 -8.27
N LEU B 404 13.98 -11.65 -9.02
CA LEU B 404 12.75 -10.91 -8.66
C LEU B 404 11.49 -11.68 -9.11
N GLN B 405 11.67 -12.82 -9.78
CA GLN B 405 10.54 -13.63 -10.25
C GLN B 405 9.96 -14.48 -9.10
N ASN B 406 10.61 -14.44 -7.93
CA ASN B 406 10.05 -14.93 -6.66
C ASN B 406 9.80 -13.75 -5.72
N HIS B 407 9.11 -12.70 -6.20
CA HIS B 407 8.74 -11.55 -5.37
C HIS B 407 7.23 -11.59 -5.12
N GLU B 408 6.82 -11.14 -3.93
CA GLU B 408 5.40 -11.11 -3.49
C GLU B 408 4.57 -10.25 -4.46
N ASN B 409 5.14 -9.12 -4.89
CA ASN B 409 4.46 -8.15 -5.73
C ASN B 409 4.26 -8.72 -7.14
N GLU B 410 3.14 -8.35 -7.75
CA GLU B 410 2.75 -8.88 -9.06
C GLU B 410 3.28 -7.97 -10.17
N SER B 411 3.31 -6.65 -9.94
CA SER B 411 3.91 -5.69 -10.89
C SER B 411 5.41 -5.99 -11.06
N VAL B 412 6.07 -6.36 -9.96
CA VAL B 412 7.48 -6.72 -9.94
C VAL B 412 7.69 -8.01 -10.74
N TYR B 413 6.84 -9.01 -10.46
CA TYR B 413 6.95 -10.33 -11.08
C TYR B 413 6.86 -10.21 -12.61
N LYS B 414 5.87 -9.45 -13.11
CA LYS B 414 5.50 -9.41 -14.53
C LYS B 414 6.42 -8.46 -15.31
N ALA B 415 6.94 -7.44 -14.62
CA ALA B 415 7.88 -6.49 -15.22
C ALA B 415 9.24 -7.16 -15.41
N SER B 416 9.66 -7.99 -14.44
CA SER B 416 10.91 -8.73 -14.49
C SER B 416 10.84 -9.84 -15.55
N LEU B 417 9.66 -10.47 -15.66
CA LEU B 417 9.40 -11.53 -16.64
C LEU B 417 9.53 -10.95 -18.06
N SER B 418 8.86 -9.82 -18.31
CA SER B 418 8.78 -9.25 -19.66
C SER B 418 10.18 -8.87 -20.15
N LEU B 419 11.07 -8.50 -19.22
CA LEU B 419 12.47 -8.19 -19.55
C LEU B 419 13.20 -9.48 -19.95
N ILE B 420 13.01 -10.53 -19.14
CA ILE B 420 13.65 -11.83 -19.38
C ILE B 420 13.23 -12.33 -20.77
N GLU B 421 11.92 -12.38 -21.01
CA GLU B 421 11.36 -12.94 -22.25
C GLU B 421 11.86 -12.16 -23.46
N LYS B 422 11.87 -10.83 -23.34
CA LYS B 422 12.13 -9.95 -24.46
C LYS B 422 13.61 -9.98 -24.84
N TYR B 423 14.50 -9.90 -23.83
CA TYR B 423 15.90 -9.52 -24.07
C TYR B 423 16.89 -10.61 -23.64
N PHE B 424 16.44 -11.70 -22.98
CA PHE B 424 17.36 -12.72 -22.43
C PHE B 424 16.86 -14.15 -22.78
N SER B 425 17.01 -14.55 -24.05
CA SER B 425 16.50 -15.85 -24.57
C SER B 425 17.46 -16.43 -25.60
N GLU B 441 30.12 10.64 -31.65
CA GLU B 441 28.83 10.21 -32.17
C GLU B 441 27.91 9.81 -31.00
N GLY B 442 28.24 8.69 -30.32
CA GLY B 442 27.42 8.14 -29.24
C GLY B 442 26.15 7.48 -29.76
N TYR B 443 26.28 6.71 -30.85
CA TYR B 443 25.19 5.93 -31.43
C TYR B 443 25.57 4.43 -31.47
N THR B 444 26.49 4.03 -30.59
CA THR B 444 26.72 2.64 -30.19
C THR B 444 27.16 2.63 -28.73
N PHE B 445 26.99 1.49 -28.06
CA PHE B 445 27.27 1.35 -26.63
C PHE B 445 28.75 0.98 -26.39
N GLN B 446 29.58 1.01 -27.44
CA GLN B 446 31.04 0.80 -27.29
C GLN B 446 31.71 2.11 -26.86
N PHE C 4 -9.04 -4.13 -17.44
CA PHE C 4 -10.02 -4.74 -16.49
C PHE C 4 -10.33 -6.18 -16.93
N GLY C 5 -9.53 -7.13 -16.45
CA GLY C 5 -9.57 -8.55 -16.83
C GLY C 5 -10.06 -9.45 -15.70
N LYS C 6 -9.70 -10.74 -15.78
CA LYS C 6 -10.15 -11.77 -14.84
C LYS C 6 -9.40 -11.61 -13.51
N ARG C 7 -10.13 -11.81 -12.42
CA ARG C 7 -9.62 -11.76 -11.07
C ARG C 7 -9.74 -13.15 -10.44
N PRO C 8 -8.69 -13.68 -9.78
CA PRO C 8 -8.78 -14.98 -9.12
C PRO C 8 -9.48 -14.84 -7.76
N ALA C 9 -9.70 -15.96 -7.08
CA ALA C 9 -10.54 -16.01 -5.89
C ALA C 9 -9.80 -15.44 -4.67
N GLU C 10 -10.58 -15.04 -3.66
CA GLU C 10 -10.09 -14.76 -2.32
C GLU C 10 -9.70 -16.09 -1.67
N ASP C 11 -9.54 -16.11 -0.33
CA ASP C 11 -9.52 -17.37 0.38
C ASP C 11 -10.96 -17.87 0.52
N MET C 12 -11.13 -19.16 0.80
CA MET C 12 -12.44 -19.80 1.03
C MET C 12 -12.84 -19.64 2.50
N GLU C 13 -14.10 -19.28 2.76
CA GLU C 13 -14.59 -19.02 4.12
C GLU C 13 -15.00 -20.36 4.76
N GLU C 14 -15.78 -21.15 4.02
CA GLU C 14 -16.30 -22.44 4.52
C GLU C 14 -15.67 -23.57 3.71
N GLU C 15 -14.62 -24.18 4.28
CA GLU C 15 -13.84 -25.21 3.61
C GLU C 15 -14.25 -26.59 4.14
N GLN C 16 -14.12 -27.59 3.27
CA GLN C 16 -14.15 -29.03 3.61
C GLN C 16 -13.04 -29.33 4.61
N ALA C 17 -13.17 -30.43 5.35
CA ALA C 17 -12.16 -30.86 6.33
C ALA C 17 -10.87 -31.28 5.61
N PHE C 18 -9.73 -30.93 6.23
CA PHE C 18 -8.41 -31.40 5.82
C PHE C 18 -8.16 -32.80 6.36
N LYS C 19 -8.45 -32.96 7.66
CA LYS C 19 -8.27 -34.19 8.40
C LYS C 19 -9.53 -34.48 9.22
N ARG C 20 -9.86 -35.75 9.34
CA ARG C 20 -11.00 -36.19 10.15
C ARG C 20 -10.51 -37.29 11.09
N SER C 21 -10.99 -37.26 12.34
CA SER C 21 -10.79 -38.39 13.24
C SER C 21 -12.05 -39.25 13.22
N ARG C 22 -11.85 -40.58 13.29
CA ARG C 22 -12.93 -41.51 13.48
C ARG C 22 -13.25 -41.56 14.98
N ASN C 23 -14.49 -41.18 15.32
CA ASN C 23 -14.98 -41.19 16.72
C ASN C 23 -15.96 -42.35 16.92
N ASN D 3 -10.97 -47.08 30.63
CA ASN D 3 -9.75 -46.27 30.34
C ASN D 3 -8.51 -46.97 30.89
N TRP D 4 -7.60 -47.38 29.99
CA TRP D 4 -6.23 -47.83 30.32
C TRP D 4 -5.31 -46.61 30.41
N SER D 5 -4.22 -46.74 31.18
CA SER D 5 -3.13 -45.76 31.16
C SER D 5 -2.23 -46.04 29.95
N VAL D 6 -1.47 -45.04 29.53
CA VAL D 6 -0.56 -45.18 28.38
C VAL D 6 0.54 -46.20 28.72
N ASP D 7 0.91 -46.28 30.01
CA ASP D 7 1.87 -47.28 30.51
C ASP D 7 1.31 -48.69 30.29
N ASP D 8 0.04 -48.89 30.64
CA ASP D 8 -0.64 -50.19 30.52
C ASP D 8 -0.71 -50.62 29.05
N ILE D 9 -0.87 -49.64 28.16
CA ILE D 9 -0.96 -49.87 26.71
C ILE D 9 0.41 -50.33 26.19
N VAL D 10 1.48 -49.66 26.64
CA VAL D 10 2.86 -49.99 26.22
C VAL D 10 3.17 -51.43 26.68
N LYS D 11 2.97 -51.71 27.97
CA LYS D 11 3.24 -53.04 28.55
C LYS D 11 2.53 -54.12 27.73
N GLY D 12 1.31 -53.83 27.28
CA GLY D 12 0.52 -54.76 26.47
C GLY D 12 1.06 -54.92 25.05
N ILE D 13 1.46 -53.81 24.42
CA ILE D 13 1.93 -53.82 23.03
C ILE D 13 3.30 -54.53 22.97
N ASN D 14 4.11 -54.36 24.01
CA ASN D 14 5.46 -54.93 24.11
C ASN D 14 5.41 -56.44 24.35
N SER D 15 4.32 -56.93 24.96
CA SER D 15 4.10 -58.37 25.14
C SER D 15 4.25 -59.11 23.80
N SER D 16 4.85 -60.29 23.85
CA SER D 16 4.99 -61.17 22.68
C SER D 16 3.68 -61.91 22.43
N ASN D 17 2.81 -61.95 23.45
CA ASN D 17 1.47 -62.53 23.39
C ASN D 17 0.61 -61.67 22.44
N VAL D 18 0.18 -62.28 21.33
CA VAL D 18 -0.48 -61.58 20.20
C VAL D 18 -1.87 -61.09 20.62
N GLU D 19 -2.48 -61.76 21.60
CA GLU D 19 -3.82 -61.42 22.13
C GLU D 19 -3.71 -60.23 23.12
N ASN D 20 -2.58 -60.12 23.82
CA ASN D 20 -2.32 -59.00 24.73
C ASN D 20 -2.09 -57.72 23.94
N GLN D 21 -1.50 -57.86 22.74
CA GLN D 21 -1.22 -56.76 21.82
C GLN D 21 -2.55 -56.20 21.28
N LEU D 22 -3.46 -57.09 20.89
CA LEU D 22 -4.75 -56.71 20.35
C LEU D 22 -5.54 -55.92 21.40
N GLN D 23 -5.52 -56.41 22.65
CA GLN D 23 -6.27 -55.80 23.76
C GLN D 23 -5.76 -54.38 24.05
N ALA D 24 -4.44 -54.19 24.01
CA ALA D 24 -3.83 -52.90 24.25
C ALA D 24 -4.18 -51.92 23.12
N THR D 25 -4.15 -52.41 21.87
CA THR D 25 -4.43 -51.61 20.68
C THR D 25 -5.90 -51.18 20.66
N GLN D 26 -6.80 -52.09 21.07
CA GLN D 26 -8.20 -51.76 21.35
C GLN D 26 -8.23 -50.56 22.31
N ALA D 27 -7.56 -50.70 23.47
CA ALA D 27 -7.59 -49.69 24.52
C ALA D 27 -7.10 -48.34 23.98
N ALA D 28 -6.09 -48.39 23.12
CA ALA D 28 -5.49 -47.20 22.49
C ALA D 28 -6.46 -46.58 21.48
N ARG D 29 -7.11 -47.44 20.68
CA ARG D 29 -8.12 -46.98 19.74
C ARG D 29 -9.22 -46.22 20.50
N LYS D 30 -9.57 -46.69 21.69
CA LYS D 30 -10.62 -46.08 22.49
C LYS D 30 -10.14 -44.72 23.01
N LEU D 31 -8.94 -44.67 23.59
CA LEU D 31 -8.38 -43.41 24.11
C LEU D 31 -8.38 -42.35 23.01
N LEU D 32 -8.10 -42.76 21.76
CA LEU D 32 -7.89 -41.82 20.65
C LEU D 32 -9.23 -41.41 20.01
N SER D 33 -10.29 -42.20 20.20
CA SER D 33 -11.56 -41.99 19.51
C SER D 33 -12.63 -41.41 20.44
N ARG D 34 -12.73 -41.95 21.66
CA ARG D 34 -13.85 -41.64 22.59
C ARG D 34 -13.52 -40.43 23.47
N GLU D 35 -12.23 -40.10 23.61
CA GLU D 35 -11.81 -39.03 24.53
C GLU D 35 -12.03 -37.67 23.85
N LYS D 36 -12.28 -36.66 24.68
CA LYS D 36 -12.49 -35.28 24.24
C LYS D 36 -11.13 -34.64 23.93
N GLN D 37 -10.18 -34.79 24.87
CA GLN D 37 -8.79 -34.36 24.71
C GLN D 37 -7.91 -35.60 24.62
N PRO D 38 -7.75 -36.20 23.41
CA PRO D 38 -6.99 -37.44 23.26
C PRO D 38 -5.50 -37.22 23.55
N PRO D 39 -4.82 -38.20 24.20
CA PRO D 39 -3.40 -38.06 24.55
C PRO D 39 -2.48 -38.50 23.41
N ILE D 40 -2.58 -37.82 22.27
CA ILE D 40 -1.85 -38.19 21.06
C ILE D 40 -0.34 -38.06 21.31
N ASP D 41 0.06 -36.96 21.95
CA ASP D 41 1.48 -36.67 22.19
C ASP D 41 2.08 -37.72 23.14
N ASN D 42 1.32 -38.12 24.18
CA ASN D 42 1.74 -39.16 25.11
C ASN D 42 2.04 -40.47 24.36
N ILE D 43 1.16 -40.81 23.41
CA ILE D 43 1.23 -42.05 22.64
C ILE D 43 2.46 -42.01 21.72
N ILE D 44 2.69 -40.86 21.09
CA ILE D 44 3.85 -40.66 20.22
C ILE D 44 5.12 -40.84 21.07
N ARG D 45 5.22 -40.10 22.17
CA ARG D 45 6.41 -40.09 23.05
C ARG D 45 6.69 -41.49 23.62
N ALA D 46 5.63 -42.28 23.86
CA ALA D 46 5.75 -43.65 24.37
C ALA D 46 6.35 -44.57 23.30
N GLY D 47 6.42 -44.09 22.05
CA GLY D 47 7.14 -44.75 20.96
C GLY D 47 6.30 -45.83 20.30
N LEU D 48 4.98 -45.62 20.22
CA LEU D 48 4.02 -46.67 19.85
C LEU D 48 3.74 -46.66 18.34
N ILE D 49 4.01 -45.54 17.65
CA ILE D 49 3.64 -45.38 16.23
C ILE D 49 4.25 -46.50 15.39
N PRO D 50 5.57 -46.80 15.52
CA PRO D 50 6.20 -47.88 14.75
C PRO D 50 5.54 -49.26 14.92
N LYS D 51 5.10 -49.54 16.15
CA LYS D 51 4.50 -50.81 16.50
C LYS D 51 3.12 -50.93 15.84
N PHE D 52 2.33 -49.85 15.89
CA PHE D 52 1.04 -49.75 15.20
C PHE D 52 1.23 -49.99 13.70
N VAL D 53 2.27 -49.36 13.13
CA VAL D 53 2.52 -49.38 11.70
C VAL D 53 2.84 -50.81 11.25
N SER D 54 3.52 -51.60 12.09
CA SER D 54 3.86 -52.98 11.75
C SER D 54 2.67 -53.91 12.01
N PHE D 55 1.78 -53.52 12.94
CA PHE D 55 0.51 -54.22 13.13
C PHE D 55 -0.35 -54.10 11.86
N LEU D 56 -0.18 -53.02 11.09
CA LEU D 56 -0.88 -52.88 9.81
C LEU D 56 -0.53 -54.07 8.90
N GLY D 57 0.68 -54.61 9.06
CA GLY D 57 1.21 -55.70 8.22
C GLY D 57 0.79 -57.09 8.69
N ARG D 58 0.19 -57.16 9.88
CA ARG D 58 -0.24 -58.46 10.48
C ARG D 58 -1.46 -59.01 9.73
N THR D 59 -1.23 -59.67 8.59
CA THR D 59 -2.31 -60.29 7.80
C THR D 59 -3.05 -61.33 8.66
N ASP D 60 -2.28 -62.13 9.41
CA ASP D 60 -2.79 -63.24 10.23
C ASP D 60 -3.93 -62.75 11.15
N CYS D 61 -3.67 -61.67 11.90
CA CYS D 61 -4.62 -61.10 12.87
C CYS D 61 -5.26 -59.82 12.30
N SER D 62 -6.31 -59.97 11.48
CA SER D 62 -6.95 -58.84 10.79
C SER D 62 -7.65 -57.89 11.79
N PRO D 63 -8.12 -58.38 12.96
CA PRO D 63 -8.52 -57.47 14.05
C PRO D 63 -7.51 -56.37 14.40
N ILE D 64 -6.22 -56.72 14.54
CA ILE D 64 -5.24 -55.74 15.01
C ILE D 64 -4.80 -54.82 13.86
N GLN D 65 -4.95 -55.30 12.61
CA GLN D 65 -4.80 -54.46 11.39
C GLN D 65 -5.80 -53.31 11.46
N PHE D 66 -7.05 -53.67 11.77
CA PHE D 66 -8.15 -52.73 11.83
C PHE D 66 -7.98 -51.75 13.00
N GLU D 67 -7.68 -52.28 14.19
CA GLU D 67 -7.61 -51.49 15.42
C GLU D 67 -6.47 -50.48 15.32
N SER D 68 -5.33 -50.91 14.75
CA SER D 68 -4.16 -50.04 14.65
C SER D 68 -4.35 -49.01 13.53
N ALA D 69 -5.05 -49.40 12.46
CA ALA D 69 -5.40 -48.49 11.36
C ALA D 69 -6.27 -47.34 11.86
N TRP D 70 -7.16 -47.65 12.82
CA TRP D 70 -8.01 -46.65 13.47
C TRP D 70 -7.13 -45.71 14.30
N ALA D 71 -6.35 -46.30 15.23
CA ALA D 71 -5.46 -45.57 16.11
C ALA D 71 -4.59 -44.57 15.32
N LEU D 72 -3.98 -45.05 14.23
CA LEU D 72 -3.05 -44.26 13.42
C LEU D 72 -3.80 -43.19 12.64
N THR D 73 -5.01 -43.50 12.19
CA THR D 73 -5.86 -42.52 11.52
C THR D 73 -5.97 -41.26 12.40
N ASN D 74 -6.28 -41.48 13.69
CA ASN D 74 -6.62 -40.41 14.64
C ASN D 74 -5.36 -39.64 15.07
N ILE D 75 -4.21 -40.32 15.10
CA ILE D 75 -2.94 -39.67 15.36
C ILE D 75 -2.58 -38.79 14.15
N ALA D 76 -2.79 -39.33 12.94
CA ALA D 76 -2.47 -38.63 11.69
C ALA D 76 -3.47 -37.50 11.43
N SER D 77 -4.55 -37.44 12.22
CA SER D 77 -5.60 -36.45 12.05
C SER D 77 -5.29 -35.17 12.84
N GLY D 78 -4.22 -35.18 13.63
CA GLY D 78 -3.86 -34.07 14.48
C GLY D 78 -3.10 -32.99 13.72
N THR D 79 -2.13 -32.38 14.42
CA THR D 79 -1.26 -31.36 13.84
C THR D 79 -0.29 -31.98 12.83
N SER D 80 0.46 -31.11 12.14
CA SER D 80 1.50 -31.54 11.20
C SER D 80 2.56 -32.38 11.92
N GLU D 81 2.99 -31.94 13.11
CA GLU D 81 3.96 -32.69 13.94
C GLU D 81 3.48 -34.14 14.13
N GLN D 82 2.18 -34.29 14.39
CA GLN D 82 1.57 -35.57 14.74
C GLN D 82 1.43 -36.43 13.48
N THR D 83 1.00 -35.81 12.38
CA THR D 83 0.92 -36.50 11.09
C THR D 83 2.31 -36.98 10.69
N LYS D 84 3.29 -36.07 10.80
CA LYS D 84 4.69 -36.34 10.44
C LYS D 84 5.19 -37.56 11.22
N ALA D 85 4.84 -37.62 12.52
CA ALA D 85 5.25 -38.73 13.39
C ALA D 85 4.82 -40.07 12.77
N VAL D 86 3.62 -40.11 12.20
CA VAL D 86 3.04 -41.31 11.60
C VAL D 86 3.77 -41.64 10.29
N VAL D 87 4.10 -40.61 9.49
CA VAL D 87 4.78 -40.81 8.21
C VAL D 87 6.20 -41.31 8.46
N ASP D 88 6.90 -40.71 9.43
CA ASP D 88 8.25 -41.11 9.85
C ASP D 88 8.26 -42.58 10.32
N GLY D 89 7.14 -43.02 10.92
CA GLY D 89 6.97 -44.39 11.40
C GLY D 89 6.64 -45.39 10.30
N GLY D 90 6.64 -44.94 9.03
CA GLY D 90 6.60 -45.82 7.86
C GLY D 90 5.18 -46.25 7.49
N ALA D 91 4.20 -45.41 7.85
CA ALA D 91 2.80 -45.77 7.82
C ALA D 91 2.26 -45.79 6.39
N ILE D 92 2.77 -44.92 5.52
CA ILE D 92 2.18 -44.68 4.18
C ILE D 92 2.16 -45.98 3.37
N PRO D 93 3.32 -46.65 3.10
CA PRO D 93 3.31 -47.86 2.26
C PRO D 93 2.56 -49.04 2.90
N ALA D 94 2.52 -49.06 4.24
CA ALA D 94 1.76 -50.05 5.02
C ALA D 94 0.25 -49.88 4.79
N PHE D 95 -0.23 -48.63 4.77
CA PHE D 95 -1.62 -48.33 4.49
C PHE D 95 -1.94 -48.68 3.02
N ILE D 96 -1.02 -48.38 2.11
CA ILE D 96 -1.25 -48.61 0.68
C ILE D 96 -1.39 -50.12 0.45
N SER D 97 -0.62 -50.92 1.21
CA SER D 97 -0.68 -52.37 1.13
C SER D 97 -2.04 -52.90 1.57
N LEU D 98 -2.64 -52.22 2.57
CA LEU D 98 -3.94 -52.63 3.14
C LEU D 98 -5.10 -52.32 2.17
N LEU D 99 -4.89 -51.47 1.15
CA LEU D 99 -5.96 -51.12 0.21
C LEU D 99 -6.50 -52.39 -0.49
N ALA D 100 -5.64 -53.40 -0.63
CA ALA D 100 -5.98 -54.65 -1.30
C ALA D 100 -6.66 -55.64 -0.34
N SER D 101 -6.69 -55.32 0.96
CA SER D 101 -7.23 -56.22 1.98
C SER D 101 -8.58 -56.76 1.53
N PRO D 102 -8.84 -58.09 1.66
CA PRO D 102 -10.16 -58.65 1.37
C PRO D 102 -11.24 -58.22 2.39
N HIS D 103 -10.82 -57.68 3.55
CA HIS D 103 -11.72 -57.07 4.54
C HIS D 103 -11.99 -55.60 4.18
N ALA D 104 -13.21 -55.31 3.73
CA ALA D 104 -13.62 -54.01 3.21
C ALA D 104 -13.36 -52.87 4.23
N HIS D 105 -13.65 -53.14 5.50
CA HIS D 105 -13.63 -52.11 6.56
C HIS D 105 -12.19 -51.73 6.94
N ILE D 106 -11.21 -52.56 6.58
CA ILE D 106 -9.81 -52.29 6.86
C ILE D 106 -9.23 -51.45 5.70
N SER D 107 -9.49 -51.88 4.47
CA SER D 107 -9.25 -51.08 3.27
C SER D 107 -9.75 -49.65 3.50
N GLU D 108 -11.02 -49.52 3.93
CA GLU D 108 -11.69 -48.22 4.19
C GLU D 108 -10.83 -47.37 5.12
N GLN D 109 -10.37 -47.96 6.24
CA GLN D 109 -9.68 -47.22 7.30
C GLN D 109 -8.31 -46.75 6.79
N ALA D 110 -7.72 -47.52 5.87
CA ALA D 110 -6.48 -47.19 5.20
C ALA D 110 -6.70 -46.05 4.21
N VAL D 111 -7.81 -46.10 3.47
CA VAL D 111 -8.22 -45.02 2.58
C VAL D 111 -8.34 -43.72 3.40
N TRP D 112 -8.99 -43.82 4.56
CA TRP D 112 -9.19 -42.69 5.47
C TRP D 112 -7.83 -42.17 5.94
N ALA D 113 -7.01 -43.07 6.48
CA ALA D 113 -5.69 -42.73 7.04
C ALA D 113 -4.85 -42.00 5.98
N LEU D 114 -4.83 -42.54 4.76
CA LEU D 114 -4.06 -41.95 3.66
C LEU D 114 -4.60 -40.54 3.37
N GLY D 115 -5.92 -40.39 3.44
CA GLY D 115 -6.61 -39.10 3.27
C GLY D 115 -6.14 -38.04 4.26
N ASN D 116 -6.00 -38.41 5.54
CA ASN D 116 -5.52 -37.51 6.58
C ASN D 116 -4.11 -37.01 6.22
N ILE D 117 -3.22 -37.94 5.87
CA ILE D 117 -1.83 -37.63 5.56
C ILE D 117 -1.79 -36.65 4.38
N ALA D 118 -2.52 -36.98 3.31
CA ALA D 118 -2.53 -36.18 2.07
C ALA D 118 -3.11 -34.77 2.33
N GLY D 119 -4.03 -34.68 3.30
CA GLY D 119 -4.68 -33.43 3.65
C GLY D 119 -3.73 -32.42 4.29
N ASP D 120 -2.63 -32.89 4.89
CA ASP D 120 -1.70 -32.04 5.64
C ASP D 120 -1.14 -30.91 4.76
N GLY D 121 -0.85 -31.21 3.49
CA GLY D 121 -0.31 -30.19 2.58
C GLY D 121 0.18 -30.78 1.27
N SER D 122 0.87 -29.95 0.48
CA SER D 122 1.39 -30.32 -0.85
C SER D 122 2.47 -31.40 -0.74
N VAL D 123 3.21 -31.36 0.39
CA VAL D 123 4.39 -32.21 0.60
C VAL D 123 3.93 -33.67 0.78
N PHE D 124 3.10 -33.91 1.80
CA PHE D 124 2.61 -35.24 2.15
C PHE D 124 1.61 -35.75 1.10
N ARG D 125 0.97 -34.83 0.37
CA ARG D 125 0.13 -35.18 -0.77
C ARG D 125 1.00 -35.86 -1.83
N ASP D 126 2.06 -35.16 -2.25
CA ASP D 126 2.99 -35.61 -3.30
C ASP D 126 3.66 -36.92 -2.87
N LEU D 127 3.91 -37.05 -1.56
CA LEU D 127 4.57 -38.21 -0.96
C LEU D 127 3.68 -39.45 -1.06
N VAL D 128 2.41 -39.31 -0.65
CA VAL D 128 1.43 -40.38 -0.74
C VAL D 128 1.33 -40.88 -2.19
N ILE D 129 1.44 -39.97 -3.17
CA ILE D 129 1.38 -40.32 -4.59
C ILE D 129 2.65 -41.08 -4.99
N LYS D 130 3.80 -40.61 -4.50
CA LYS D 130 5.13 -41.19 -4.77
C LYS D 130 5.16 -42.65 -4.32
N TYR D 131 4.56 -42.93 -3.16
CA TYR D 131 4.51 -44.29 -2.59
C TYR D 131 3.55 -45.19 -3.39
N GLY D 132 2.82 -44.63 -4.36
CA GLY D 132 2.03 -45.38 -5.34
C GLY D 132 0.60 -45.64 -4.88
N ALA D 133 -0.05 -44.60 -4.32
CA ALA D 133 -1.39 -44.71 -3.71
C ALA D 133 -2.51 -44.65 -4.76
N VAL D 134 -2.24 -44.08 -5.94
CA VAL D 134 -3.29 -43.73 -6.88
C VAL D 134 -3.87 -45.00 -7.52
N ASP D 135 -3.02 -45.80 -8.18
CA ASP D 135 -3.46 -47.00 -8.92
C ASP D 135 -4.38 -47.85 -8.02
N PRO D 136 -3.96 -48.24 -6.80
CA PRO D 136 -4.79 -49.09 -5.94
C PRO D 136 -6.05 -48.40 -5.40
N LEU D 137 -6.05 -47.07 -5.33
CA LEU D 137 -7.21 -46.30 -4.87
C LEU D 137 -8.28 -46.26 -5.97
N LEU D 138 -7.85 -45.95 -7.20
CA LEU D 138 -8.77 -45.88 -8.36
C LEU D 138 -9.30 -47.28 -8.69
N ALA D 139 -8.48 -48.31 -8.43
CA ALA D 139 -8.83 -49.70 -8.67
C ALA D 139 -10.06 -50.11 -7.83
N LEU D 140 -10.24 -49.49 -6.66
CA LEU D 140 -11.39 -49.78 -5.79
C LEU D 140 -12.70 -49.23 -6.37
N LEU D 141 -12.61 -48.19 -7.22
CA LEU D 141 -13.79 -47.56 -7.87
C LEU D 141 -13.86 -47.98 -9.34
N ALA D 142 -13.18 -49.06 -9.70
CA ALA D 142 -13.10 -49.54 -11.09
C ALA D 142 -14.17 -50.61 -11.35
N VAL D 143 -15.08 -50.79 -10.38
CA VAL D 143 -16.15 -51.78 -10.47
C VAL D 143 -17.07 -51.42 -11.65
N PRO D 144 -17.86 -52.38 -12.17
CA PRO D 144 -18.88 -52.06 -13.18
C PRO D 144 -19.95 -51.08 -12.68
N ASP D 145 -20.56 -51.39 -11.53
CA ASP D 145 -21.62 -50.59 -10.91
C ASP D 145 -21.11 -50.00 -9.59
N MET D 146 -21.16 -48.67 -9.47
CA MET D 146 -20.67 -47.91 -8.31
C MET D 146 -21.47 -48.28 -7.05
N SER D 147 -22.76 -48.59 -7.22
CA SER D 147 -23.68 -48.93 -6.13
C SER D 147 -23.41 -50.34 -5.57
N SER D 148 -22.36 -51.01 -6.05
CA SER D 148 -21.86 -52.24 -5.44
C SER D 148 -21.14 -51.93 -4.12
N LEU D 149 -20.61 -50.71 -3.99
CA LEU D 149 -19.87 -50.25 -2.80
C LEU D 149 -20.84 -49.63 -1.78
N ALA D 150 -20.58 -49.89 -0.49
CA ALA D 150 -21.30 -49.27 0.63
C ALA D 150 -20.98 -47.76 0.64
N CYS D 151 -21.98 -46.95 1.03
CA CYS D 151 -21.92 -45.50 0.83
C CYS D 151 -20.88 -44.83 1.77
N GLY D 152 -20.62 -45.43 2.92
CA GLY D 152 -19.60 -44.95 3.85
C GLY D 152 -18.19 -45.15 3.29
N TYR D 153 -17.99 -46.29 2.64
CA TYR D 153 -16.70 -46.68 2.03
C TYR D 153 -16.40 -45.78 0.82
N LEU D 154 -17.47 -45.43 0.09
CA LEU D 154 -17.39 -44.66 -1.15
C LEU D 154 -17.11 -43.18 -0.87
N ARG D 155 -17.69 -42.65 0.21
CA ARG D 155 -17.53 -41.26 0.59
C ARG D 155 -16.08 -41.02 1.03
N ASN D 156 -15.53 -41.98 1.77
CA ASN D 156 -14.14 -41.94 2.23
C ASN D 156 -13.19 -41.94 1.04
N LEU D 157 -13.48 -42.75 0.02
CA LEU D 157 -12.65 -42.84 -1.17
C LEU D 157 -12.67 -41.51 -1.94
N THR D 158 -13.86 -40.92 -2.08
CA THR D 158 -14.05 -39.68 -2.80
C THR D 158 -13.35 -38.54 -2.06
N TRP D 159 -13.43 -38.54 -0.73
CA TRP D 159 -12.77 -37.53 0.12
C TRP D 159 -11.24 -37.62 0.01
N THR D 160 -10.70 -38.83 0.16
CA THR D 160 -9.27 -39.06 0.05
C THR D 160 -8.79 -38.63 -1.34
N LEU D 161 -9.57 -38.96 -2.38
CA LEU D 161 -9.26 -38.56 -3.76
C LEU D 161 -9.22 -37.03 -3.89
N SER D 162 -10.16 -36.34 -3.23
CA SER D 162 -10.20 -34.89 -3.26
C SER D 162 -8.92 -34.32 -2.63
N ASN D 163 -8.43 -34.96 -1.56
CA ASN D 163 -7.23 -34.50 -0.86
C ASN D 163 -5.99 -34.68 -1.74
N LEU D 164 -6.02 -35.66 -2.66
CA LEU D 164 -4.91 -35.86 -3.62
C LEU D 164 -4.95 -34.78 -4.72
N CYS D 165 -6.10 -34.11 -4.87
CA CYS D 165 -6.30 -33.05 -5.86
C CYS D 165 -6.06 -31.65 -5.27
N ARG D 166 -5.75 -31.59 -3.97
CA ARG D 166 -5.82 -30.37 -3.18
C ARG D 166 -4.47 -29.64 -3.17
N ASN D 167 -4.51 -28.36 -2.83
CA ASN D 167 -3.36 -27.50 -2.54
C ASN D 167 -2.56 -27.18 -3.81
N LYS D 168 -1.76 -26.11 -3.69
CA LYS D 168 -0.88 -25.57 -4.73
C LYS D 168 0.50 -25.29 -4.13
N ASN D 169 1.43 -24.86 -4.99
CA ASN D 169 2.81 -24.54 -4.61
C ASN D 169 3.47 -25.77 -3.97
N PRO D 170 3.58 -26.85 -4.75
CA PRO D 170 3.08 -26.98 -6.10
C PRO D 170 1.69 -27.63 -6.21
N ALA D 171 1.12 -27.59 -7.42
CA ALA D 171 -0.10 -28.30 -7.74
C ALA D 171 0.17 -29.80 -7.72
N PRO D 172 -0.85 -30.67 -7.66
CA PRO D 172 -0.64 -32.11 -7.80
C PRO D 172 0.07 -32.41 -9.11
N PRO D 173 0.90 -33.48 -9.18
CA PRO D 173 1.57 -33.86 -10.42
C PRO D 173 0.53 -34.08 -11.53
N ILE D 174 0.85 -33.62 -12.74
CA ILE D 174 -0.07 -33.68 -13.87
C ILE D 174 -0.47 -35.13 -14.16
N ASP D 175 0.52 -36.04 -14.17
CA ASP D 175 0.27 -37.45 -14.48
C ASP D 175 -0.81 -38.00 -13.53
N ALA D 176 -0.78 -37.58 -12.25
CA ALA D 176 -1.72 -38.05 -11.22
C ALA D 176 -3.13 -37.50 -11.49
N VAL D 177 -3.22 -36.24 -11.92
CA VAL D 177 -4.48 -35.58 -12.19
C VAL D 177 -5.14 -36.22 -13.43
N GLU D 178 -4.36 -36.36 -14.52
CA GLU D 178 -4.81 -37.04 -15.77
C GLU D 178 -5.46 -38.39 -15.46
N GLN D 179 -4.91 -39.10 -14.47
CA GLN D 179 -5.30 -40.47 -14.14
C GLN D 179 -6.56 -40.49 -13.26
N ILE D 180 -6.68 -39.50 -12.36
CA ILE D 180 -7.76 -39.45 -11.37
C ILE D 180 -9.04 -38.90 -12.01
N LEU D 181 -8.92 -38.03 -13.03
CA LEU D 181 -10.05 -37.25 -13.55
C LEU D 181 -11.15 -38.15 -14.12
N PRO D 182 -10.87 -39.10 -15.05
CA PRO D 182 -11.91 -40.00 -15.55
C PRO D 182 -12.83 -40.57 -14.47
N THR D 183 -12.26 -40.93 -13.31
CA THR D 183 -13.00 -41.46 -12.15
C THR D 183 -13.88 -40.39 -11.52
N LEU D 184 -13.39 -39.15 -11.46
CA LEU D 184 -14.10 -38.02 -10.86
C LEU D 184 -15.34 -37.67 -11.70
N VAL D 185 -15.23 -37.81 -13.03
CA VAL D 185 -16.34 -37.60 -13.97
C VAL D 185 -17.47 -38.57 -13.60
N ARG D 186 -17.11 -39.85 -13.46
CA ARG D 186 -18.04 -40.95 -13.13
C ARG D 186 -18.67 -40.70 -11.75
N LEU D 187 -17.89 -40.15 -10.82
CA LEU D 187 -18.33 -39.90 -9.44
C LEU D 187 -19.33 -38.74 -9.38
N LEU D 188 -19.21 -37.81 -10.33
CA LEU D 188 -20.02 -36.56 -10.33
C LEU D 188 -21.45 -36.85 -10.78
N HIS D 189 -21.71 -38.07 -11.27
CA HIS D 189 -23.04 -38.52 -11.68
C HIS D 189 -23.67 -39.42 -10.61
N HIS D 190 -22.94 -39.70 -9.51
CA HIS D 190 -23.50 -40.47 -8.40
C HIS D 190 -24.63 -39.67 -7.78
N ASP D 191 -25.55 -40.33 -7.07
CA ASP D 191 -26.77 -39.67 -6.57
C ASP D 191 -26.68 -39.45 -5.05
N ASP D 192 -25.57 -39.87 -4.43
CA ASP D 192 -25.32 -39.57 -3.03
C ASP D 192 -24.91 -38.10 -2.90
N PRO D 193 -25.55 -37.30 -2.02
CA PRO D 193 -25.14 -35.91 -1.77
C PRO D 193 -23.67 -35.76 -1.33
N GLU D 194 -23.23 -36.57 -0.36
CA GLU D 194 -21.92 -36.41 0.26
C GLU D 194 -20.82 -36.68 -0.78
N VAL D 195 -21.04 -37.70 -1.62
CA VAL D 195 -20.10 -38.05 -2.69
C VAL D 195 -20.00 -36.89 -3.67
N LEU D 196 -21.15 -36.30 -4.02
CA LEU D 196 -21.22 -35.20 -4.99
C LEU D 196 -20.48 -33.97 -4.46
N ALA D 197 -20.65 -33.66 -3.17
CA ALA D 197 -19.95 -32.56 -2.48
C ALA D 197 -18.43 -32.79 -2.51
N ASP D 198 -18.02 -34.01 -2.13
CA ASP D 198 -16.61 -34.42 -2.11
C ASP D 198 -16.04 -34.32 -3.52
N THR D 199 -16.76 -34.86 -4.51
CA THR D 199 -16.30 -34.82 -5.89
C THR D 199 -16.17 -33.37 -6.36
N CYS D 200 -17.19 -32.54 -6.04
CA CYS D 200 -17.21 -31.12 -6.43
C CYS D 200 -16.00 -30.39 -5.84
N TRP D 201 -15.64 -30.73 -4.59
CA TRP D 201 -14.47 -30.18 -3.93
C TRP D 201 -13.19 -30.55 -4.69
N ALA D 202 -13.09 -31.81 -5.10
CA ALA D 202 -11.94 -32.28 -5.86
C ALA D 202 -11.78 -31.41 -7.11
N ILE D 203 -12.86 -31.27 -7.89
CA ILE D 203 -12.80 -30.53 -9.16
C ILE D 203 -12.60 -29.04 -8.87
N SER D 204 -13.09 -28.58 -7.71
CA SER D 204 -12.82 -27.22 -7.23
C SER D 204 -11.31 -26.96 -7.21
N TYR D 205 -10.55 -27.85 -6.55
CA TYR D 205 -9.11 -27.67 -6.38
C TYR D 205 -8.38 -27.72 -7.74
N LEU D 206 -8.84 -28.61 -8.64
CA LEU D 206 -8.14 -28.87 -9.91
C LEU D 206 -8.26 -27.67 -10.86
N THR D 207 -9.35 -26.91 -10.72
CA THR D 207 -9.62 -25.75 -11.57
C THR D 207 -8.94 -24.50 -11.01
N ASP D 208 -8.43 -24.57 -9.77
CA ASP D 208 -7.78 -23.46 -9.07
C ASP D 208 -6.29 -23.40 -9.40
N GLY D 209 -5.98 -23.03 -10.65
CA GLY D 209 -4.61 -22.90 -11.10
C GLY D 209 -4.53 -22.23 -12.46
N PRO D 210 -3.44 -22.43 -13.23
CA PRO D 210 -3.32 -21.84 -14.55
C PRO D 210 -4.30 -22.50 -15.53
N ASN D 211 -4.44 -21.91 -16.72
CA ASN D 211 -5.41 -22.31 -17.72
C ASN D 211 -5.17 -23.77 -18.15
N GLU D 212 -3.92 -24.22 -18.15
CA GLU D 212 -3.60 -25.59 -18.56
C GLU D 212 -4.46 -26.57 -17.74
N ARG D 213 -4.53 -26.34 -16.42
CA ARG D 213 -5.20 -27.23 -15.46
C ARG D 213 -6.71 -27.19 -15.67
N ILE D 214 -7.24 -25.99 -15.92
CA ILE D 214 -8.66 -25.75 -16.24
C ILE D 214 -9.02 -26.50 -17.53
N GLY D 215 -8.17 -26.38 -18.55
CA GLY D 215 -8.32 -27.08 -19.83
C GLY D 215 -8.55 -28.57 -19.65
N MET D 216 -7.80 -29.17 -18.71
CA MET D 216 -7.88 -30.60 -18.41
C MET D 216 -9.29 -30.96 -17.95
N VAL D 217 -9.83 -30.15 -17.02
CA VAL D 217 -11.15 -30.37 -16.42
C VAL D 217 -12.22 -30.20 -17.51
N VAL D 218 -12.08 -29.15 -18.32
CA VAL D 218 -13.09 -28.77 -19.31
C VAL D 218 -13.24 -29.86 -20.37
N LYS D 219 -12.12 -30.50 -20.75
CA LYS D 219 -12.10 -31.45 -21.87
C LYS D 219 -12.87 -32.72 -21.54
N THR D 220 -13.05 -33.03 -20.25
CA THR D 220 -13.74 -34.24 -19.80
C THR D 220 -15.26 -34.12 -19.98
N GLY D 221 -15.75 -32.88 -20.17
CA GLY D 221 -17.16 -32.60 -20.51
C GLY D 221 -18.05 -32.47 -19.29
N VAL D 222 -17.48 -32.13 -18.13
CA VAL D 222 -18.18 -32.18 -16.82
C VAL D 222 -18.91 -30.85 -16.54
N VAL D 223 -18.62 -29.81 -17.33
CA VAL D 223 -19.15 -28.49 -17.04
C VAL D 223 -20.68 -28.54 -17.01
N PRO D 224 -21.37 -29.14 -18.03
CA PRO D 224 -22.82 -29.33 -17.96
C PRO D 224 -23.32 -29.87 -16.61
N GLN D 225 -22.68 -30.94 -16.14
CA GLN D 225 -23.08 -31.66 -14.94
C GLN D 225 -22.81 -30.80 -13.68
N LEU D 226 -21.76 -29.97 -13.70
CA LEU D 226 -21.49 -29.02 -12.62
C LEU D 226 -22.59 -27.96 -12.54
N VAL D 227 -23.03 -27.46 -13.72
CA VAL D 227 -24.08 -26.45 -13.84
C VAL D 227 -25.39 -27.00 -13.27
N LYS D 228 -25.61 -28.31 -13.45
CA LYS D 228 -26.77 -28.97 -12.85
C LYS D 228 -26.65 -28.94 -11.33
N LEU D 229 -25.46 -29.28 -10.82
CA LEU D 229 -25.19 -29.35 -9.37
C LEU D 229 -25.18 -27.94 -8.75
N LEU D 230 -25.07 -26.92 -9.61
CA LEU D 230 -25.12 -25.52 -9.19
C LEU D 230 -26.50 -25.21 -8.58
N GLY D 231 -27.53 -25.91 -9.06
CA GLY D 231 -28.92 -25.71 -8.63
C GLY D 231 -29.46 -26.88 -7.81
N ALA D 232 -28.59 -27.56 -7.06
CA ALA D 232 -29.01 -28.56 -6.09
C ALA D 232 -29.52 -27.84 -4.84
N SER D 233 -30.28 -28.58 -4.03
CA SER D 233 -30.84 -28.07 -2.76
C SER D 233 -29.75 -28.00 -1.70
N GLU D 234 -28.90 -29.03 -1.71
CA GLU D 234 -27.90 -29.26 -0.68
C GLU D 234 -26.79 -28.21 -0.84
N LEU D 235 -26.66 -27.31 0.14
CA LEU D 235 -25.68 -26.21 0.11
C LEU D 235 -24.24 -26.75 0.09
N PRO D 236 -23.91 -27.83 0.82
CA PRO D 236 -22.62 -28.52 0.64
C PRO D 236 -22.20 -28.86 -0.79
N ILE D 237 -23.16 -29.01 -1.71
CA ILE D 237 -22.86 -29.29 -3.13
C ILE D 237 -22.67 -27.97 -3.90
N VAL D 238 -23.53 -26.99 -3.62
CA VAL D 238 -23.54 -25.73 -4.36
C VAL D 238 -22.20 -25.00 -4.12
N THR D 239 -21.80 -24.87 -2.86
CA THR D 239 -20.61 -24.11 -2.49
C THR D 239 -19.42 -24.52 -3.35
N PRO D 240 -18.96 -25.79 -3.33
CA PRO D 240 -17.84 -26.21 -4.17
C PRO D 240 -18.11 -26.11 -5.68
N ALA D 241 -19.30 -26.55 -6.12
CA ALA D 241 -19.67 -26.54 -7.54
C ALA D 241 -19.55 -25.12 -8.12
N LEU D 242 -19.98 -24.13 -7.33
CA LEU D 242 -19.92 -22.73 -7.72
C LEU D 242 -18.47 -22.27 -7.79
N ARG D 243 -17.65 -22.70 -6.83
CA ARG D 243 -16.25 -22.35 -6.80
C ARG D 243 -15.53 -22.95 -8.02
N ALA D 244 -15.90 -24.17 -8.42
CA ALA D 244 -15.32 -24.82 -9.60
C ALA D 244 -15.66 -24.02 -10.87
N ILE D 245 -16.92 -23.56 -10.95
CA ILE D 245 -17.42 -22.81 -12.10
C ILE D 245 -16.74 -21.44 -12.11
N GLY D 246 -16.63 -20.82 -10.93
CA GLY D 246 -15.93 -19.55 -10.74
C GLY D 246 -14.49 -19.60 -11.21
N ASN D 247 -13.81 -20.72 -10.90
CA ASN D 247 -12.40 -20.94 -11.25
C ASN D 247 -12.26 -21.08 -12.76
N ILE D 248 -13.20 -21.77 -13.41
CA ILE D 248 -13.12 -22.03 -14.85
C ILE D 248 -13.24 -20.70 -15.62
N VAL D 249 -14.11 -19.80 -15.16
CA VAL D 249 -14.32 -18.50 -15.85
C VAL D 249 -13.17 -17.53 -15.54
N THR D 250 -12.20 -17.91 -14.69
CA THR D 250 -10.93 -17.15 -14.57
C THR D 250 -10.03 -17.45 -15.76
N GLY D 251 -10.36 -18.52 -16.52
CA GLY D 251 -9.57 -18.98 -17.64
C GLY D 251 -9.75 -18.12 -18.89
N THR D 252 -9.65 -18.78 -20.05
CA THR D 252 -9.73 -18.14 -21.36
C THR D 252 -11.20 -17.81 -21.66
N ASP D 253 -11.38 -16.98 -22.69
CA ASP D 253 -12.71 -16.62 -23.18
C ASP D 253 -13.43 -17.90 -23.65
N GLU D 254 -12.69 -18.80 -24.32
CA GLU D 254 -13.23 -20.05 -24.87
C GLU D 254 -13.67 -20.99 -23.73
N GLN D 255 -12.87 -21.03 -22.66
CA GLN D 255 -13.17 -21.83 -21.46
C GLN D 255 -14.40 -21.27 -20.75
N THR D 256 -14.46 -19.94 -20.59
CA THR D 256 -15.61 -19.24 -20.02
C THR D 256 -16.88 -19.58 -20.82
N GLN D 257 -16.77 -19.65 -22.15
CA GLN D 257 -17.92 -19.85 -23.03
C GLN D 257 -18.54 -21.24 -22.79
N VAL D 258 -17.70 -22.23 -22.44
CA VAL D 258 -18.17 -23.60 -22.15
C VAL D 258 -19.20 -23.53 -21.01
N VAL D 259 -18.92 -22.67 -20.02
CA VAL D 259 -19.78 -22.47 -18.86
C VAL D 259 -21.11 -21.86 -19.30
N ILE D 260 -21.05 -20.84 -20.16
CA ILE D 260 -22.22 -20.12 -20.65
C ILE D 260 -23.05 -21.07 -21.54
N ASP D 261 -22.35 -21.77 -22.45
CA ASP D 261 -22.94 -22.74 -23.38
C ASP D 261 -23.63 -23.87 -22.61
N ALA D 262 -23.18 -24.13 -21.39
CA ALA D 262 -23.72 -25.20 -20.55
C ALA D 262 -24.89 -24.68 -19.70
N GLY D 263 -25.29 -23.43 -19.91
CA GLY D 263 -26.54 -22.86 -19.37
C GLY D 263 -26.42 -22.46 -17.90
N ALA D 264 -25.24 -21.97 -17.50
CA ALA D 264 -24.96 -21.59 -16.12
C ALA D 264 -25.79 -20.36 -15.75
N LEU D 265 -26.05 -19.48 -16.72
CA LEU D 265 -26.63 -18.15 -16.49
C LEU D 265 -28.09 -18.24 -16.04
N ALA D 266 -28.75 -19.39 -16.31
CA ALA D 266 -30.15 -19.62 -15.95
C ALA D 266 -30.31 -19.74 -14.43
N VAL D 267 -29.29 -20.28 -13.76
CA VAL D 267 -29.33 -20.67 -12.34
C VAL D 267 -28.88 -19.49 -11.46
N PHE D 268 -28.24 -18.50 -12.07
CA PHE D 268 -27.46 -17.49 -11.34
C PHE D 268 -28.34 -16.49 -10.60
N PRO D 269 -29.58 -16.20 -11.07
CA PRO D 269 -30.50 -15.38 -10.28
C PRO D 269 -30.66 -15.88 -8.83
N SER D 270 -30.81 -17.19 -8.65
CA SER D 270 -31.03 -17.77 -7.33
C SER D 270 -29.73 -17.79 -6.52
N LEU D 271 -28.60 -17.93 -7.22
CA LEU D 271 -27.28 -17.83 -6.59
C LEU D 271 -27.03 -16.39 -6.12
N LEU D 272 -27.33 -15.41 -6.98
CA LEU D 272 -27.08 -13.98 -6.69
C LEU D 272 -28.02 -13.46 -5.61
N THR D 273 -29.13 -14.16 -5.36
CA THR D 273 -30.09 -13.83 -4.30
C THR D 273 -30.23 -14.99 -3.30
N ASN D 274 -29.20 -15.83 -3.20
CA ASN D 274 -29.20 -17.02 -2.33
C ASN D 274 -29.38 -16.56 -0.88
N PRO D 275 -29.98 -17.39 0.01
CA PRO D 275 -30.10 -17.04 1.42
C PRO D 275 -28.73 -16.86 2.09
N LYS D 276 -27.72 -17.54 1.53
CA LYS D 276 -26.35 -17.57 2.05
C LYS D 276 -25.53 -16.42 1.47
N THR D 277 -25.03 -15.53 2.35
CA THR D 277 -24.08 -14.46 2.03
C THR D 277 -22.96 -14.96 1.09
N ASN D 278 -22.34 -16.07 1.49
CA ASN D 278 -21.14 -16.62 0.86
C ASN D 278 -21.39 -16.97 -0.62
N ILE D 279 -22.59 -17.49 -0.91
CA ILE D 279 -22.95 -17.91 -2.27
C ILE D 279 -23.15 -16.66 -3.15
N GLN D 280 -23.73 -15.61 -2.56
CA GLN D 280 -23.96 -14.35 -3.26
C GLN D 280 -22.63 -13.78 -3.74
N LYS D 281 -21.70 -13.62 -2.78
CA LYS D 281 -20.34 -13.13 -3.03
C LYS D 281 -19.73 -13.91 -4.20
N GLU D 282 -19.68 -15.24 -4.07
CA GLU D 282 -19.03 -16.15 -5.03
C GLU D 282 -19.72 -16.07 -6.40
N ALA D 283 -21.04 -15.92 -6.38
CA ALA D 283 -21.83 -15.79 -7.60
C ALA D 283 -21.48 -14.46 -8.29
N THR D 284 -21.42 -13.39 -7.49
CA THR D 284 -21.11 -12.06 -8.02
C THR D 284 -19.65 -12.04 -8.52
N TRP D 285 -18.76 -12.73 -7.82
CA TRP D 285 -17.36 -12.86 -8.25
C TRP D 285 -17.31 -13.61 -9.59
N THR D 286 -18.11 -14.68 -9.71
CA THR D 286 -18.21 -15.44 -10.95
C THR D 286 -18.77 -14.56 -12.07
N MET D 287 -19.79 -13.76 -11.76
CA MET D 287 -20.38 -12.82 -12.72
C MET D 287 -19.32 -11.85 -13.24
N SER D 288 -18.54 -11.27 -12.31
CA SER D 288 -17.54 -10.25 -12.65
C SER D 288 -16.54 -10.79 -13.69
N ASN D 289 -16.22 -12.08 -13.57
CA ASN D 289 -15.23 -12.69 -14.45
C ASN D 289 -15.84 -12.99 -15.82
N ILE D 290 -17.18 -12.98 -15.93
CA ILE D 290 -17.86 -13.16 -17.21
C ILE D 290 -18.05 -11.80 -17.89
N THR D 291 -18.34 -10.76 -17.09
CA THR D 291 -18.43 -9.38 -17.58
C THR D 291 -17.03 -8.84 -17.92
N ALA D 292 -16.00 -9.61 -17.56
CA ALA D 292 -14.63 -9.32 -17.94
C ALA D 292 -14.36 -9.81 -19.37
N GLY D 293 -15.24 -10.66 -19.91
CA GLY D 293 -15.00 -11.38 -21.17
C GLY D 293 -15.40 -10.59 -22.41
N ARG D 294 -15.52 -11.32 -23.53
CA ARG D 294 -15.87 -10.76 -24.85
C ARG D 294 -17.21 -10.01 -24.77
N GLN D 295 -17.46 -9.17 -25.77
CA GLN D 295 -18.65 -8.34 -25.79
C GLN D 295 -19.89 -9.21 -26.00
N ASP D 296 -19.74 -10.31 -26.72
CA ASP D 296 -20.83 -11.25 -27.00
C ASP D 296 -21.19 -12.00 -25.71
N GLN D 297 -20.22 -12.14 -24.79
CA GLN D 297 -20.43 -12.81 -23.50
C GLN D 297 -21.18 -11.88 -22.54
N ILE D 298 -20.87 -10.57 -22.61
CA ILE D 298 -21.59 -9.55 -21.85
C ILE D 298 -23.05 -9.56 -22.28
N GLN D 299 -23.29 -9.72 -23.59
CA GLN D 299 -24.64 -9.69 -24.17
C GLN D 299 -25.48 -10.87 -23.68
N GLN D 300 -24.83 -12.01 -23.37
CA GLN D 300 -25.53 -13.19 -22.86
C GLN D 300 -25.92 -12.96 -21.39
N VAL D 301 -25.10 -12.21 -20.66
CA VAL D 301 -25.42 -11.77 -19.30
C VAL D 301 -26.67 -10.89 -19.36
N VAL D 302 -26.72 -9.98 -20.34
CA VAL D 302 -27.86 -9.09 -20.55
C VAL D 302 -29.09 -9.92 -20.94
N ASN D 303 -28.91 -10.90 -21.83
CA ASN D 303 -30.00 -11.69 -22.43
C ASN D 303 -30.66 -12.62 -21.39
N HIS D 304 -29.88 -13.14 -20.43
CA HIS D 304 -30.40 -14.02 -19.37
C HIS D 304 -30.89 -13.19 -18.16
N GLY D 305 -30.99 -11.87 -18.36
CA GLY D 305 -31.73 -10.96 -17.49
C GLY D 305 -31.02 -10.67 -16.18
N LEU D 306 -29.68 -10.73 -16.19
CA LEU D 306 -28.91 -10.78 -14.95
C LEU D 306 -28.50 -9.38 -14.48
N VAL D 307 -28.52 -8.39 -15.39
CA VAL D 307 -28.03 -7.05 -15.06
C VAL D 307 -28.82 -6.50 -13.87
N PRO D 308 -30.18 -6.46 -13.91
CA PRO D 308 -30.97 -6.04 -12.75
C PRO D 308 -30.64 -6.75 -11.43
N PHE D 309 -30.25 -8.02 -11.51
CA PHE D 309 -29.84 -8.79 -10.34
C PHE D 309 -28.54 -8.25 -9.76
N LEU D 310 -27.59 -7.90 -10.63
CA LEU D 310 -26.34 -7.30 -10.19
C LEU D 310 -26.61 -5.91 -9.60
N VAL D 311 -27.53 -5.16 -10.22
CA VAL D 311 -27.87 -3.81 -9.76
C VAL D 311 -28.38 -3.89 -8.31
N SER D 312 -29.17 -4.92 -8.01
CA SER D 312 -29.82 -5.03 -6.70
C SER D 312 -28.83 -5.61 -5.67
N VAL D 313 -27.86 -6.43 -6.12
CA VAL D 313 -26.80 -6.94 -5.24
C VAL D 313 -25.93 -5.75 -4.79
N LEU D 314 -25.69 -4.83 -5.72
CA LEU D 314 -24.91 -3.61 -5.50
C LEU D 314 -25.58 -2.69 -4.47
N SER D 315 -26.91 -2.79 -4.32
CA SER D 315 -27.70 -1.99 -3.35
C SER D 315 -27.82 -2.71 -1.99
N LYS D 316 -28.16 -4.00 -2.04
CA LYS D 316 -28.80 -4.66 -0.89
C LYS D 316 -27.83 -5.58 -0.15
N ALA D 317 -26.75 -6.03 -0.80
CA ALA D 317 -25.87 -7.07 -0.25
C ALA D 317 -24.89 -6.44 0.76
N ASP D 318 -24.25 -7.31 1.56
CA ASP D 318 -23.18 -6.92 2.49
C ASP D 318 -21.96 -6.48 1.68
N PHE D 319 -21.06 -5.74 2.33
CA PHE D 319 -20.01 -4.99 1.65
C PHE D 319 -19.10 -5.93 0.83
N LYS D 320 -18.69 -7.06 1.40
CA LYS D 320 -17.79 -8.01 0.70
C LYS D 320 -18.37 -8.38 -0.66
N THR D 321 -19.70 -8.58 -0.70
CA THR D 321 -20.43 -8.93 -1.92
C THR D 321 -20.56 -7.69 -2.82
N GLN D 322 -20.80 -6.52 -2.22
CA GLN D 322 -20.93 -5.27 -2.98
C GLN D 322 -19.64 -4.96 -3.74
N LYS D 323 -18.48 -5.18 -3.11
CA LYS D 323 -17.19 -5.01 -3.75
C LYS D 323 -17.14 -5.83 -5.05
N GLU D 324 -17.62 -7.08 -4.99
CA GLU D 324 -17.60 -8.01 -6.12
C GLU D 324 -18.51 -7.50 -7.24
N ALA D 325 -19.63 -6.88 -6.85
CA ALA D 325 -20.56 -6.27 -7.80
C ALA D 325 -19.93 -5.05 -8.47
N VAL D 326 -19.18 -4.27 -7.68
CA VAL D 326 -18.47 -3.10 -8.21
C VAL D 326 -17.59 -3.57 -9.37
N TRP D 327 -16.84 -4.65 -9.13
CA TRP D 327 -15.95 -5.23 -10.13
C TRP D 327 -16.76 -5.68 -11.35
N ALA D 328 -17.86 -6.39 -11.10
CA ALA D 328 -18.70 -6.93 -12.16
C ALA D 328 -19.16 -5.81 -13.09
N VAL D 329 -19.61 -4.70 -12.49
CA VAL D 329 -20.21 -3.56 -13.19
C VAL D 329 -19.11 -2.82 -13.98
N THR D 330 -17.94 -2.68 -13.37
CA THR D 330 -16.86 -1.92 -13.96
C THR D 330 -16.26 -2.68 -15.15
N ASN D 331 -16.14 -4.00 -15.00
CA ASN D 331 -15.64 -4.87 -16.07
C ASN D 331 -16.56 -4.76 -17.29
N TYR D 332 -17.87 -4.79 -17.02
CA TYR D 332 -18.95 -4.63 -18.02
C TYR D 332 -18.75 -3.32 -18.79
N THR D 333 -18.54 -2.21 -18.08
CA THR D 333 -18.38 -0.89 -18.67
C THR D 333 -17.05 -0.80 -19.44
N SER D 334 -16.05 -1.57 -18.99
CA SER D 334 -14.75 -1.63 -19.62
C SER D 334 -14.85 -2.36 -20.98
N GLY D 335 -15.56 -3.49 -21.01
CA GLY D 335 -15.59 -4.37 -22.19
C GLY D 335 -16.80 -4.14 -23.09
N GLY D 336 -17.86 -3.53 -22.54
CA GLY D 336 -19.16 -3.48 -23.21
C GLY D 336 -19.23 -2.46 -24.33
N THR D 337 -20.20 -2.64 -25.24
CA THR D 337 -20.53 -1.65 -26.27
C THR D 337 -21.36 -0.53 -25.63
N VAL D 338 -21.46 0.60 -26.36
CA VAL D 338 -22.23 1.77 -25.94
C VAL D 338 -23.67 1.36 -25.66
N GLU D 339 -24.23 0.49 -26.53
CA GLU D 339 -25.57 -0.07 -26.39
C GLU D 339 -25.73 -0.76 -25.02
N GLN D 340 -24.73 -1.57 -24.65
CA GLN D 340 -24.76 -2.37 -23.42
C GLN D 340 -24.70 -1.46 -22.19
N ILE D 341 -23.91 -0.39 -22.28
CA ILE D 341 -23.72 0.56 -21.19
C ILE D 341 -25.00 1.38 -20.97
N VAL D 342 -25.65 1.78 -22.07
CA VAL D 342 -26.94 2.45 -22.03
C VAL D 342 -27.92 1.59 -21.22
N TYR D 343 -27.99 0.28 -21.56
CA TYR D 343 -28.86 -0.68 -20.88
C TYR D 343 -28.54 -0.77 -19.39
N LEU D 344 -27.24 -0.72 -19.04
CA LEU D 344 -26.80 -0.75 -17.65
C LEU D 344 -27.34 0.48 -16.93
N VAL D 345 -27.31 1.63 -17.60
CA VAL D 345 -27.77 2.87 -17.01
C VAL D 345 -29.29 2.79 -16.80
N HIS D 346 -30.00 2.19 -17.75
CA HIS D 346 -31.46 2.06 -17.72
C HIS D 346 -31.92 1.12 -16.60
N CYS D 347 -31.08 0.14 -16.23
CA CYS D 347 -31.34 -0.73 -15.08
C CYS D 347 -31.06 -0.01 -13.75
N GLY D 348 -30.71 1.29 -13.81
CA GLY D 348 -30.60 2.14 -12.63
C GLY D 348 -29.32 1.91 -11.84
N ILE D 349 -28.20 1.73 -12.56
CA ILE D 349 -26.89 1.43 -11.96
C ILE D 349 -26.38 2.66 -11.18
N ILE D 350 -26.65 3.86 -11.71
CA ILE D 350 -25.91 5.06 -11.36
C ILE D 350 -25.90 5.26 -9.84
N GLU D 351 -27.07 5.25 -9.21
CA GLU D 351 -27.17 5.61 -7.79
C GLU D 351 -26.46 4.59 -6.92
N PRO D 352 -26.89 3.31 -6.86
CA PRO D 352 -26.30 2.34 -5.93
C PRO D 352 -24.78 2.19 -6.06
N LEU D 353 -24.25 2.40 -7.27
CA LEU D 353 -22.82 2.37 -7.54
C LEU D 353 -22.12 3.53 -6.82
N MET D 354 -22.65 4.74 -7.05
CA MET D 354 -22.07 5.98 -6.54
C MET D 354 -22.22 6.06 -5.02
N ASN D 355 -23.25 5.42 -4.47
CA ASN D 355 -23.45 5.32 -3.02
C ASN D 355 -22.19 4.75 -2.35
N LEU D 356 -21.50 3.84 -3.04
CA LEU D 356 -20.32 3.15 -2.49
C LEU D 356 -19.05 4.01 -2.60
N LEU D 357 -19.16 5.27 -3.03
CA LEU D 357 -18.03 6.20 -3.05
C LEU D 357 -17.72 6.71 -1.63
N THR D 358 -18.69 6.58 -0.72
CA THR D 358 -18.52 6.93 0.69
C THR D 358 -17.87 5.77 1.45
N ALA D 359 -17.68 4.63 0.78
CA ALA D 359 -16.91 3.52 1.34
C ALA D 359 -15.48 3.98 1.63
N LYS D 360 -14.84 3.32 2.60
CA LYS D 360 -13.48 3.61 3.02
C LYS D 360 -12.57 2.48 2.51
N ASP D 361 -12.49 2.38 1.18
CA ASP D 361 -11.67 1.40 0.47
C ASP D 361 -11.13 2.10 -0.79
N THR D 362 -9.91 2.61 -0.71
CA THR D 362 -9.35 3.49 -1.73
C THR D 362 -9.33 2.79 -3.10
N LYS D 363 -9.12 1.47 -3.10
CA LYS D 363 -9.09 0.69 -4.33
C LYS D 363 -10.46 0.72 -5.01
N ILE D 364 -11.50 0.37 -4.25
CA ILE D 364 -12.89 0.28 -4.74
C ILE D 364 -13.34 1.64 -5.27
N ILE D 365 -13.00 2.72 -4.56
CA ILE D 365 -13.38 4.07 -4.96
C ILE D 365 -12.89 4.32 -6.40
N LEU D 366 -11.62 3.97 -6.65
CA LEU D 366 -10.96 4.19 -7.95
C LEU D 366 -11.64 3.38 -9.05
N VAL D 367 -12.11 2.17 -8.69
CA VAL D 367 -12.80 1.27 -9.61
C VAL D 367 -14.14 1.88 -10.03
N ILE D 368 -14.86 2.49 -9.08
CA ILE D 368 -16.17 3.13 -9.34
C ILE D 368 -15.98 4.35 -10.24
N LEU D 369 -14.96 5.16 -9.94
CA LEU D 369 -14.67 6.36 -10.70
C LEU D 369 -14.28 5.98 -12.14
N ASP D 370 -13.66 4.80 -12.30
CA ASP D 370 -13.33 4.27 -13.62
C ASP D 370 -14.62 3.92 -14.37
N ALA D 371 -15.51 3.20 -13.68
CA ALA D 371 -16.80 2.84 -14.21
C ALA D 371 -17.53 4.09 -14.72
N ILE D 372 -17.57 5.15 -13.89
CA ILE D 372 -18.27 6.38 -14.24
C ILE D 372 -17.57 7.04 -15.42
N SER D 373 -16.24 7.00 -15.42
CA SER D 373 -15.45 7.52 -16.51
C SER D 373 -15.81 6.80 -17.82
N ASN D 374 -15.92 5.47 -17.76
CA ASN D 374 -16.26 4.62 -18.91
C ASN D 374 -17.66 4.95 -19.44
N ILE D 375 -18.61 5.13 -18.51
CA ILE D 375 -20.01 5.44 -18.86
C ILE D 375 -20.06 6.81 -19.55
N PHE D 376 -19.27 7.76 -19.05
CA PHE D 376 -19.21 9.11 -19.60
C PHE D 376 -18.64 9.10 -21.02
N GLN D 377 -17.73 8.16 -21.30
CA GLN D 377 -17.13 8.00 -22.63
C GLN D 377 -18.18 7.48 -23.62
N ALA D 378 -19.02 6.55 -23.14
CA ALA D 378 -20.15 6.08 -23.91
C ALA D 378 -21.09 7.25 -24.19
N ALA D 379 -21.28 8.12 -23.19
CA ALA D 379 -22.16 9.30 -23.30
C ALA D 379 -21.62 10.25 -24.38
N GLU D 380 -20.29 10.44 -24.36
CA GLU D 380 -19.59 11.36 -25.26
C GLU D 380 -19.84 10.96 -26.71
N LYS D 381 -19.79 9.65 -26.99
CA LYS D 381 -20.00 9.10 -28.34
C LYS D 381 -21.45 9.30 -28.80
N LEU D 382 -22.38 9.55 -27.88
CA LEU D 382 -23.76 9.83 -28.23
C LEU D 382 -24.06 11.33 -28.16
N GLY D 383 -23.12 12.11 -27.61
CA GLY D 383 -23.32 13.55 -27.37
C GLY D 383 -24.38 13.78 -26.31
N GLU D 384 -24.27 13.06 -25.19
CA GLU D 384 -25.26 13.05 -24.12
C GLU D 384 -24.57 13.11 -22.75
N THR D 385 -23.44 13.83 -22.68
CA THR D 385 -22.73 14.03 -21.44
C THR D 385 -23.55 14.95 -20.52
N GLU D 386 -24.35 15.86 -21.09
CA GLU D 386 -25.18 16.74 -20.29
C GLU D 386 -26.26 15.92 -19.57
N LYS D 387 -26.96 15.07 -20.32
CA LYS D 387 -28.03 14.23 -19.79
C LYS D 387 -27.50 13.37 -18.64
N LEU D 388 -26.33 12.75 -18.84
CA LEU D 388 -25.75 11.85 -17.87
C LEU D 388 -25.31 12.63 -16.62
N SER D 389 -24.74 13.82 -16.82
CA SER D 389 -24.41 14.73 -15.73
C SER D 389 -25.65 14.93 -14.84
N ILE D 390 -26.75 15.27 -15.49
CA ILE D 390 -28.00 15.60 -14.82
C ILE D 390 -28.58 14.37 -14.10
N MET D 391 -28.37 13.17 -14.67
CA MET D 391 -28.82 11.90 -14.05
C MET D 391 -28.02 11.63 -12.77
N ILE D 392 -26.74 11.99 -12.81
CA ILE D 392 -25.81 11.77 -11.71
C ILE D 392 -26.15 12.72 -10.56
N GLU D 393 -26.50 13.98 -10.90
CA GLU D 393 -26.95 15.00 -9.94
C GLU D 393 -28.24 14.54 -9.26
N GLU D 394 -29.14 13.90 -10.04
CA GLU D 394 -30.43 13.41 -9.57
C GLU D 394 -30.26 12.18 -8.66
N CYS D 395 -29.15 11.45 -8.82
CA CYS D 395 -28.87 10.27 -8.00
C CYS D 395 -28.00 10.63 -6.79
N GLY D 396 -27.71 11.94 -6.63
CA GLY D 396 -26.92 12.47 -5.51
C GLY D 396 -25.45 12.09 -5.62
N GLY D 397 -25.03 11.76 -6.84
CA GLY D 397 -23.71 11.23 -7.13
C GLY D 397 -22.65 12.31 -7.27
N LEU D 398 -23.06 13.52 -7.68
CA LEU D 398 -22.15 14.67 -7.84
C LEU D 398 -21.63 15.11 -6.47
N ASP D 399 -22.50 15.07 -5.45
CA ASP D 399 -22.18 15.46 -4.07
C ASP D 399 -21.05 14.56 -3.54
N LYS D 400 -21.02 13.30 -3.98
CA LYS D 400 -20.09 12.27 -3.50
C LYS D 400 -18.77 12.28 -4.29
N ILE D 401 -18.81 12.79 -5.53
CA ILE D 401 -17.61 12.95 -6.36
C ILE D 401 -16.79 14.14 -5.85
N GLU D 402 -17.46 15.27 -5.56
CA GLU D 402 -16.73 16.46 -5.14
C GLU D 402 -16.38 16.36 -3.65
N ALA D 403 -17.04 15.44 -2.93
CA ALA D 403 -16.70 15.09 -1.55
C ALA D 403 -15.30 14.46 -1.47
N LEU D 404 -14.87 13.80 -2.56
CA LEU D 404 -13.62 13.02 -2.60
C LEU D 404 -12.41 13.92 -2.89
N GLN D 405 -12.63 15.22 -3.11
CA GLN D 405 -11.54 16.15 -3.44
C GLN D 405 -10.80 16.59 -2.18
N ASN D 406 -11.30 16.20 -0.99
CA ASN D 406 -10.49 16.27 0.25
C ASN D 406 -10.26 14.84 0.76
N HIS D 407 -9.68 13.99 -0.11
CA HIS D 407 -9.28 12.63 0.26
C HIS D 407 -7.75 12.59 0.35
N GLU D 408 -7.23 11.76 1.27
CA GLU D 408 -5.79 11.61 1.53
C GLU D 408 -5.07 11.11 0.26
N ASN D 409 -5.72 10.19 -0.46
CA ASN D 409 -5.15 9.54 -1.64
C ASN D 409 -5.05 10.55 -2.78
N GLU D 410 -4.00 10.41 -3.60
CA GLU D 410 -3.70 11.33 -4.70
C GLU D 410 -4.41 10.86 -5.98
N SER D 411 -4.47 9.54 -6.21
CA SER D 411 -5.17 8.97 -7.35
C SER D 411 -6.66 9.29 -7.27
N VAL D 412 -7.20 9.26 -6.03
CA VAL D 412 -8.60 9.57 -5.74
C VAL D 412 -8.85 11.05 -6.03
N TYR D 413 -7.96 11.91 -5.52
CA TYR D 413 -8.10 13.36 -5.63
C TYR D 413 -8.17 13.76 -7.12
N LYS D 414 -7.25 13.25 -7.95
CA LYS D 414 -7.08 13.79 -9.31
C LYS D 414 -8.02 13.08 -10.29
N ALA D 415 -8.49 11.87 -9.95
CA ALA D 415 -9.50 11.17 -10.74
C ALA D 415 -10.87 11.85 -10.55
N SER D 416 -11.16 12.27 -9.31
CA SER D 416 -12.41 12.96 -8.98
C SER D 416 -12.43 14.37 -9.59
N LEU D 417 -11.26 15.03 -9.58
CA LEU D 417 -11.09 16.36 -10.16
C LEU D 417 -11.37 16.31 -11.66
N SER D 418 -10.74 15.36 -12.36
CA SER D 418 -10.82 15.28 -13.82
C SER D 418 -12.28 15.07 -14.27
N LEU D 419 -13.07 14.38 -13.44
CA LEU D 419 -14.51 14.18 -13.70
C LEU D 419 -15.25 15.52 -13.55
N ILE D 420 -14.95 16.23 -12.46
CA ILE D 420 -15.57 17.53 -12.17
C ILE D 420 -15.28 18.48 -13.33
N GLU D 421 -14.00 18.64 -13.67
CA GLU D 421 -13.56 19.60 -14.69
C GLU D 421 -14.22 19.27 -16.04
N LYS D 422 -14.23 17.99 -16.38
CA LYS D 422 -14.62 17.55 -17.71
C LYS D 422 -16.14 17.67 -17.89
N TYR D 423 -16.91 17.24 -16.89
CA TYR D 423 -18.34 16.93 -17.09
C TYR D 423 -19.26 17.80 -16.20
N PHE D 424 -18.72 18.60 -15.27
CA PHE D 424 -19.54 19.37 -14.31
C PHE D 424 -19.04 20.82 -14.17
N SER D 425 -19.30 21.65 -15.20
CA SER D 425 -18.82 23.05 -15.27
C SER D 425 -19.86 23.97 -15.92
N THR D 454 -30.09 5.84 -25.79
CA THR D 454 -29.78 7.19 -25.33
C THR D 454 -30.16 7.33 -23.85
N PHE D 455 -29.33 8.06 -23.09
CA PHE D 455 -29.46 8.22 -21.64
C PHE D 455 -30.63 9.15 -21.33
#